data_12E8
#
_entry.id   12E8
#
_cell.length_a   66.560
_cell.length_b   65.570
_cell.length_c   103.220
_cell.angle_alpha   90.00
_cell.angle_beta   97.04
_cell.angle_gamma   90.00
#
_symmetry.space_group_name_H-M   'P 1 21 1'
#
loop_
_entity.id
_entity.type
_entity.pdbx_description
1 polymer 'IGG1-KAPPA 2E8 FAB (LIGHT CHAIN)'
2 polymer 'IGG1-KAPPA 2E8 FAB (HEAVY CHAIN)'
3 water water
#
loop_
_entity_poly.entity_id
_entity_poly.type
_entity_poly.pdbx_seq_one_letter_code
_entity_poly.pdbx_strand_id
1 'polypeptide(L)'
;DIVMTQSQKFMSTSVGDRVSITCKASQNVGTAVAWYQQKPGQSPKLMIYSASNRYTGVPDRFTGSGSGTDFTLTISNMQS
EDLADYFCQQYSSYPLTFGAGTKLELKRADAAPTVSIFPPSSEQLTSGGASVVCFLNNFYPKDINVKWKIDGSERQNGVL
NSATDQDSKDSTYSMSSTLTLTKDEYERHNSYTCEATHKTSTSPIVKSFNRNEC
;
L,M
2 'polypeptide(L)'
;EVQLQQSGAEVVRSGASVKLSCTASGFNIKDYYIHWVKQRPEKGLEWIGWIDPEIGDTEYVPKFQGKATMTADTSSNTAY
LQLSSLTSEDTAVYYCNAGHDYDRGRFPYWGQGTLVTVSAAKTTPPSVYPLAPGSAAQTNSMVTLGCLVKGYFPEPVTVT
WNSGSLSSGVHTFPAVLQSDLYTLSSSVTVPSSTWPSETVTCNVAHPASSTKVDKKIVPRD
;
H,P
#
# COMPACT_ATOMS: atom_id res chain seq x y z
N ASP A 1 -17.90 16.47 11.27
CA ASP A 1 -17.32 16.52 9.90
C ASP A 1 -16.70 15.16 9.54
N ILE A 2 -16.93 14.73 8.30
CA ILE A 2 -16.37 13.48 7.82
C ILE A 2 -14.96 13.77 7.31
N VAL A 3 -14.01 13.01 7.83
CA VAL A 3 -12.62 13.17 7.42
C VAL A 3 -12.34 12.24 6.26
N MET A 4 -11.81 12.82 5.17
CA MET A 4 -11.42 12.08 3.98
C MET A 4 -9.89 12.05 4.00
N THR A 5 -9.34 10.86 4.23
CA THR A 5 -7.90 10.69 4.32
C THR A 5 -7.19 10.11 3.11
N GLN A 6 -6.23 10.87 2.58
CA GLN A 6 -5.40 10.44 1.46
C GLN A 6 -4.01 10.32 2.11
N SER A 7 -3.67 9.09 2.53
CA SER A 7 -2.39 8.81 3.21
C SER A 7 -1.11 9.15 2.45
N GLN A 8 -1.16 9.12 1.12
CA GLN A 8 0.00 9.40 0.30
C GLN A 8 0.03 10.83 -0.24
N LYS A 9 0.95 11.65 0.24
CA LYS A 9 1.06 13.02 -0.26
C LYS A 9 1.68 13.06 -1.66
N PHE A 10 2.62 12.16 -1.90
CA PHE A 10 3.33 12.08 -3.19
C PHE A 10 3.47 10.64 -3.67
N MET A 11 3.52 10.45 -4.98
CA MET A 11 3.70 9.14 -5.59
C MET A 11 4.52 9.33 -6.88
N SER A 12 5.62 8.62 -6.99
CA SER A 12 6.44 8.69 -8.20
C SER A 12 5.87 7.71 -9.22
N THR A 13 5.77 8.12 -10.47
CA THR A 13 5.21 7.27 -11.51
C THR A 13 5.98 7.44 -12.81
N SER A 14 5.67 6.62 -13.80
CA SER A 14 6.28 6.67 -15.12
C SER A 14 5.14 6.52 -16.11
N VAL A 15 5.30 7.18 -17.25
CA VAL A 15 4.36 7.13 -18.37
C VAL A 15 4.25 5.64 -18.69
N GLY A 16 3.01 5.15 -18.78
CA GLY A 16 2.77 3.75 -19.05
C GLY A 16 2.33 2.95 -17.84
N ASP A 17 2.58 3.45 -16.63
CA ASP A 17 2.23 2.77 -15.39
C ASP A 17 0.77 2.80 -15.06
N ARG A 18 0.34 1.83 -14.26
CA ARG A 18 -1.02 1.79 -13.79
C ARG A 18 -0.84 2.37 -12.39
N VAL A 19 -1.58 3.43 -12.06
CA VAL A 19 -1.43 4.05 -10.75
C VAL A 19 -2.75 4.12 -9.98
N SER A 20 -2.68 3.85 -8.70
CA SER A 20 -3.87 3.87 -7.88
C SER A 20 -3.64 4.81 -6.71
N ILE A 21 -4.66 5.61 -6.42
CA ILE A 21 -4.60 6.58 -5.33
C ILE A 21 -5.75 6.30 -4.39
N THR A 22 -5.44 6.15 -3.11
CA THR A 22 -6.45 5.82 -2.11
C THR A 22 -7.01 6.99 -1.31
N CYS A 23 -8.23 6.78 -0.84
CA CYS A 23 -8.92 7.78 -0.05
C CYS A 23 -9.83 7.01 0.90
N LYS A 24 -9.73 7.33 2.17
CA LYS A 24 -10.51 6.65 3.19
C LYS A 24 -11.44 7.64 3.89
N ALA A 25 -12.71 7.27 4.06
CA ALA A 25 -13.69 8.13 4.74
C ALA A 25 -13.80 7.64 6.18
N SER A 26 -14.03 8.55 7.12
CA SER A 26 -14.14 8.17 8.51
C SER A 26 -15.53 7.62 8.86
N GLN A 27 -16.47 7.76 7.93
CA GLN A 27 -17.86 7.32 8.11
C GLN A 27 -18.34 6.70 6.79
N ASN A 28 -19.41 5.92 6.84
CA ASN A 28 -19.96 5.30 5.64
C ASN A 28 -20.53 6.38 4.73
N VAL A 29 -19.94 6.59 3.55
CA VAL A 29 -20.44 7.59 2.62
C VAL A 29 -21.09 6.99 1.38
N GLY A 30 -21.29 5.68 1.39
CA GLY A 30 -21.90 4.98 0.26
C GLY A 30 -21.00 5.06 -0.94
N THR A 31 -21.51 5.52 -2.07
CA THR A 31 -20.65 5.69 -3.24
C THR A 31 -20.64 7.19 -3.57
N ALA A 32 -21.07 7.99 -2.60
CA ALA A 32 -21.16 9.43 -2.75
C ALA A 32 -19.80 10.11 -2.63
N VAL A 33 -18.91 9.79 -3.58
CA VAL A 33 -17.57 10.33 -3.61
C VAL A 33 -17.19 10.77 -5.01
N ALA A 34 -16.41 11.84 -5.10
CA ALA A 34 -15.96 12.35 -6.39
C ALA A 34 -14.46 12.56 -6.32
N TRP A 35 -13.80 12.50 -7.47
CA TRP A 35 -12.35 12.72 -7.56
C TRP A 35 -12.08 13.89 -8.48
N TYR A 36 -11.15 14.75 -8.10
CA TYR A 36 -10.78 15.92 -8.86
C TYR A 36 -9.30 15.93 -9.20
N GLN A 37 -8.98 16.50 -10.36
CA GLN A 37 -7.61 16.67 -10.81
C GLN A 37 -7.26 18.15 -10.79
N GLN A 38 -6.09 18.48 -10.28
CA GLN A 38 -5.67 19.87 -10.29
C GLN A 38 -4.18 20.07 -10.63
N LYS A 39 -3.93 21.06 -11.48
CA LYS A 39 -2.58 21.41 -11.89
C LYS A 39 -2.32 22.83 -11.37
N PRO A 40 -1.04 23.24 -11.21
CA PRO A 40 -0.64 24.46 -10.47
C PRO A 40 -1.33 25.73 -11.00
N GLY A 41 -1.97 26.50 -10.12
CA GLY A 41 -2.63 27.73 -10.57
C GLY A 41 -3.83 27.58 -11.52
N GLN A 42 -4.33 26.36 -11.68
CA GLN A 42 -5.48 26.07 -12.55
C GLN A 42 -6.67 25.55 -11.76
N SER A 43 -7.86 25.63 -12.38
CA SER A 43 -9.10 25.17 -11.75
C SER A 43 -8.97 23.67 -11.53
N PRO A 44 -9.38 23.16 -10.37
CA PRO A 44 -9.63 21.72 -10.27
C PRO A 44 -10.65 21.26 -11.34
N LYS A 45 -10.66 19.96 -11.62
CA LYS A 45 -11.56 19.40 -12.61
C LYS A 45 -12.18 18.10 -12.14
N LEU A 46 -13.46 17.91 -12.41
CA LEU A 46 -14.17 16.71 -12.03
C LEU A 46 -13.74 15.53 -12.91
N MET A 47 -13.29 14.46 -12.26
CA MET A 47 -12.85 13.30 -13.01
C MET A 47 -13.78 12.12 -12.83
N ILE A 48 -14.09 11.80 -11.59
CA ILE A 48 -14.92 10.68 -11.24
C ILE A 48 -15.99 11.16 -10.26
N TYR A 49 -17.17 10.58 -10.33
CA TYR A 49 -18.24 10.94 -9.38
C TYR A 49 -18.96 9.63 -9.09
N SER A 50 -19.72 9.59 -7.98
CA SER A 50 -20.46 8.40 -7.55
C SER A 50 -19.48 7.22 -7.41
N ALA A 51 -18.27 7.55 -6.95
CA ALA A 51 -17.17 6.60 -6.74
C ALA A 51 -16.57 5.88 -7.96
N SER A 52 -17.38 5.60 -8.98
CA SER A 52 -16.89 4.86 -10.13
C SER A 52 -17.31 5.33 -11.52
N ASN A 53 -18.01 6.44 -11.58
CA ASN A 53 -18.46 6.98 -12.86
C ASN A 53 -17.53 8.08 -13.38
N ARG A 54 -17.20 7.97 -14.66
CA ARG A 54 -16.32 8.91 -15.32
C ARG A 54 -17.17 10.11 -15.74
N TYR A 55 -16.67 11.31 -15.44
CA TYR A 55 -17.38 12.52 -15.83
C TYR A 55 -17.20 12.71 -17.36
N THR A 56 -18.15 13.39 -17.98
CA THR A 56 -18.12 13.64 -19.42
C THR A 56 -16.75 14.17 -19.88
N GLY A 57 -16.26 13.64 -21.00
CA GLY A 57 -15.01 14.12 -21.55
C GLY A 57 -13.72 13.62 -20.94
N VAL A 58 -13.76 13.06 -19.73
CA VAL A 58 -12.52 12.56 -19.16
C VAL A 58 -12.14 11.25 -19.81
N PRO A 59 -10.84 11.08 -20.07
CA PRO A 59 -10.38 9.96 -20.89
C PRO A 59 -10.71 8.64 -20.22
N ASP A 60 -10.83 7.60 -21.03
CA ASP A 60 -11.19 6.29 -20.49
C ASP A 60 -10.12 5.65 -19.60
N ARG A 61 -8.91 6.24 -19.50
CA ARG A 61 -7.90 5.64 -18.65
C ARG A 61 -8.10 5.91 -17.16
N PHE A 62 -9.05 6.80 -16.82
CA PHE A 62 -9.37 7.06 -15.43
C PHE A 62 -10.59 6.22 -15.00
N THR A 63 -10.48 5.52 -13.87
CA THR A 63 -11.60 4.76 -13.34
C THR A 63 -11.55 4.94 -11.84
N GLY A 64 -12.64 4.60 -11.16
CA GLY A 64 -12.66 4.72 -9.72
C GLY A 64 -13.45 3.56 -9.20
N SER A 65 -13.23 3.22 -7.94
CA SER A 65 -13.93 2.12 -7.33
C SER A 65 -14.01 2.33 -5.82
N GLY A 66 -14.75 1.46 -5.16
CA GLY A 66 -14.85 1.54 -3.72
C GLY A 66 -16.24 1.91 -3.28
N SER A 67 -16.46 1.87 -1.98
CA SER A 67 -17.76 2.20 -1.39
C SER A 67 -17.56 2.10 0.10
N GLY A 68 -18.51 2.62 0.86
CA GLY A 68 -18.42 2.57 2.30
C GLY A 68 -17.38 3.56 2.82
N THR A 69 -16.16 3.07 3.05
CA THR A 69 -15.12 3.93 3.58
C THR A 69 -13.80 3.88 2.80
N ASP A 70 -13.66 2.93 1.90
CA ASP A 70 -12.43 2.82 1.13
C ASP A 70 -12.70 3.05 -0.34
N PHE A 71 -11.99 4.04 -0.92
CA PHE A 71 -12.14 4.43 -2.33
C PHE A 71 -10.80 4.50 -3.02
N THR A 72 -10.80 4.29 -4.33
CA THR A 72 -9.58 4.31 -5.13
C THR A 72 -9.75 4.90 -6.53
N LEU A 73 -8.84 5.79 -6.91
CA LEU A 73 -8.83 6.37 -8.25
C LEU A 73 -7.71 5.63 -8.98
N THR A 74 -8.01 5.07 -10.15
CA THR A 74 -7.00 4.35 -10.92
C THR A 74 -6.75 4.95 -12.29
N ILE A 75 -5.48 5.15 -12.62
CA ILE A 75 -5.11 5.63 -13.92
C ILE A 75 -4.40 4.45 -14.60
N SER A 76 -4.95 3.96 -15.68
CA SER A 76 -4.36 2.89 -16.43
C SER A 76 -3.54 3.58 -17.48
N ASN A 77 -2.37 3.06 -17.81
CA ASN A 77 -1.52 3.66 -18.81
C ASN A 77 -1.33 5.17 -18.61
N MET A 78 -0.75 5.56 -17.49
CA MET A 78 -0.56 6.97 -17.21
C MET A 78 0.13 7.73 -18.31
N GLN A 79 -0.30 8.96 -18.55
CA GLN A 79 0.28 9.81 -19.59
C GLN A 79 0.92 11.04 -18.97
N SER A 80 1.79 11.72 -19.72
CA SER A 80 2.48 12.89 -19.16
C SER A 80 1.52 13.93 -18.58
N GLU A 81 0.41 14.17 -19.28
CA GLU A 81 -0.56 15.15 -18.83
C GLU A 81 -1.23 14.82 -17.50
N ASP A 82 -1.13 13.55 -17.10
CA ASP A 82 -1.68 13.06 -15.84
C ASP A 82 -0.89 13.44 -14.62
N LEU A 83 0.28 14.02 -14.81
CA LEU A 83 1.07 14.43 -13.66
C LEU A 83 0.36 15.65 -13.08
N ALA A 84 -0.20 15.50 -11.88
CA ALA A 84 -0.95 16.56 -11.21
C ALA A 84 -1.37 16.14 -9.83
N ASP A 85 -2.10 17.02 -9.11
CA ASP A 85 -2.62 16.69 -7.79
C ASP A 85 -4.02 16.12 -7.97
N TYR A 86 -4.36 15.16 -7.13
CA TYR A 86 -5.69 14.54 -7.14
C TYR A 86 -6.29 14.57 -5.74
N PHE A 87 -7.58 14.83 -5.65
CA PHE A 87 -8.21 14.81 -4.34
C PHE A 87 -9.64 14.31 -4.38
N CYS A 88 -10.00 13.55 -3.36
CA CYS A 88 -11.32 12.99 -3.26
C CYS A 88 -12.17 13.95 -2.46
N GLN A 89 -13.48 13.75 -2.52
CA GLN A 89 -14.44 14.57 -1.80
C GLN A 89 -15.66 13.70 -1.54
N GLN A 90 -16.27 13.81 -0.37
CA GLN A 90 -17.51 13.08 -0.11
C GLN A 90 -18.61 14.12 -0.18
N TYR A 91 -19.80 13.71 -0.63
CA TYR A 91 -20.95 14.59 -0.68
C TYR A 91 -22.13 13.82 -0.11
N SER A 92 -21.80 12.94 0.85
CA SER A 92 -22.81 12.12 1.48
C SER A 92 -23.70 13.03 2.32
N SER A 93 -23.09 13.99 3.01
CA SER A 93 -23.82 14.93 3.88
C SER A 93 -22.92 16.10 4.19
N TYR A 94 -23.50 17.11 4.81
CA TYR A 94 -22.76 18.31 5.13
C TYR A 94 -22.07 18.24 6.48
N PRO A 95 -20.98 18.99 6.63
CA PRO A 95 -20.39 19.78 5.53
C PRO A 95 -19.61 18.91 4.53
N LEU A 96 -19.59 19.30 3.27
CA LEU A 96 -18.84 18.56 2.23
C LEU A 96 -17.36 18.66 2.64
N THR A 97 -16.61 17.58 2.49
CA THR A 97 -15.20 17.58 2.89
C THR A 97 -14.30 16.95 1.82
N PHE A 98 -13.03 17.36 1.82
CA PHE A 98 -12.06 16.89 0.83
C PHE A 98 -10.83 16.22 1.45
N GLY A 99 -10.20 15.37 0.66
CA GLY A 99 -8.95 14.75 1.08
C GLY A 99 -7.88 15.84 0.89
N ALA A 100 -6.70 15.66 1.47
CA ALA A 100 -5.64 16.67 1.36
C ALA A 100 -4.85 16.61 0.06
N GLY A 101 -5.18 15.66 -0.81
CA GLY A 101 -4.52 15.57 -2.10
C GLY A 101 -3.30 14.67 -2.18
N THR A 102 -3.06 14.10 -3.36
CA THR A 102 -1.93 13.22 -3.66
C THR A 102 -1.33 13.78 -4.95
N LYS A 103 -0.03 14.08 -4.95
CA LYS A 103 0.61 14.61 -6.15
C LYS A 103 1.42 13.54 -6.90
N LEU A 104 1.08 13.37 -8.17
CA LEU A 104 1.77 12.42 -9.04
C LEU A 104 3.02 13.07 -9.62
N GLU A 105 4.16 12.45 -9.40
CA GLU A 105 5.44 12.98 -9.84
C GLU A 105 6.14 12.02 -10.77
N LEU A 106 7.16 12.53 -11.46
CA LEU A 106 7.87 11.75 -12.44
C LEU A 106 9.10 11.04 -11.88
N LYS A 107 9.30 9.82 -12.32
CA LYS A 107 10.43 9.01 -11.87
C LYS A 107 11.61 9.17 -12.83
N ARG A 108 12.80 9.21 -12.26
CA ARG A 108 14.05 9.28 -13.04
C ARG A 108 15.12 8.57 -12.22
N ALA A 109 16.36 8.60 -12.70
CA ALA A 109 17.48 7.97 -12.01
C ALA A 109 17.85 8.75 -10.75
N ASP A 110 18.25 8.05 -9.68
CA ASP A 110 18.69 8.73 -8.45
C ASP A 110 19.89 9.59 -8.77
N ALA A 111 19.97 10.76 -8.13
CA ALA A 111 21.06 11.68 -8.34
C ALA A 111 21.41 12.21 -6.97
N ALA A 112 22.71 12.28 -6.67
CA ALA A 112 23.18 12.77 -5.37
C ALA A 112 23.19 14.30 -5.36
N PRO A 113 22.79 14.90 -4.22
CA PRO A 113 22.73 16.37 -4.23
C PRO A 113 24.10 17.02 -4.21
N THR A 114 24.19 18.21 -4.80
CA THR A 114 25.41 19.00 -4.83
C THR A 114 25.26 19.98 -3.65
N VAL A 115 26.09 19.81 -2.61
CA VAL A 115 26.01 20.62 -1.41
C VAL A 115 27.04 21.72 -1.35
N SER A 116 26.62 22.90 -0.91
CA SER A 116 27.51 24.05 -0.80
C SER A 116 27.08 24.81 0.43
N ILE A 117 28.05 25.26 1.22
CA ILE A 117 27.77 26.02 2.41
C ILE A 117 28.46 27.39 2.27
N PHE A 118 27.81 28.41 2.81
CA PHE A 118 28.31 29.79 2.77
C PHE A 118 28.22 30.41 4.13
N PRO A 119 29.31 31.06 4.60
CA PRO A 119 29.31 31.84 5.83
C PRO A 119 28.45 33.08 5.63
N PRO A 120 28.07 33.76 6.72
CA PRO A 120 27.55 35.13 6.67
C PRO A 120 28.49 36.07 5.93
N SER A 121 27.95 36.97 5.13
CA SER A 121 28.78 37.95 4.41
C SER A 121 29.11 39.02 5.44
N SER A 122 30.28 39.64 5.29
CA SER A 122 30.74 40.70 6.19
C SER A 122 29.66 41.79 6.24
N GLU A 123 29.00 42.00 5.11
CA GLU A 123 27.95 43.00 4.98
C GLU A 123 26.76 42.70 5.87
N GLN A 124 26.30 41.46 5.88
CA GLN A 124 25.18 41.11 6.75
C GLN A 124 25.63 41.29 8.17
N LEU A 125 26.90 40.97 8.43
CA LEU A 125 27.44 41.09 9.76
C LEU A 125 27.46 42.52 10.28
N THR A 126 27.73 43.49 9.39
CA THR A 126 27.72 44.89 9.81
C THR A 126 26.29 45.28 10.23
N SER A 127 25.33 44.42 9.88
CA SER A 127 23.93 44.64 10.20
C SER A 127 23.53 44.00 11.51
N GLY A 128 24.42 43.20 12.09
CA GLY A 128 24.10 42.57 13.36
C GLY A 128 23.44 41.21 13.24
N GLY A 129 23.26 40.71 12.01
CA GLY A 129 22.66 39.41 11.80
C GLY A 129 23.65 38.46 11.13
N ALA A 130 23.37 37.16 11.15
CA ALA A 130 24.28 36.17 10.54
C ALA A 130 23.54 34.95 10.00
N SER A 131 23.42 34.85 8.69
CA SER A 131 22.73 33.72 8.09
C SER A 131 23.76 32.83 7.43
N VAL A 132 23.70 31.53 7.72
CA VAL A 132 24.62 30.54 7.15
C VAL A 132 23.76 29.72 6.22
N VAL A 133 24.03 29.78 4.93
CA VAL A 133 23.21 29.06 3.99
C VAL A 133 23.85 27.88 3.32
N CYS A 134 23.04 26.86 3.14
CA CYS A 134 23.46 25.62 2.53
C CYS A 134 22.48 25.25 1.44
N PHE A 135 23.01 24.99 0.25
CA PHE A 135 22.21 24.58 -0.88
C PHE A 135 22.44 23.09 -1.10
N LEU A 136 21.38 22.37 -1.42
CA LEU A 136 21.43 20.92 -1.70
C LEU A 136 20.68 20.84 -3.04
N ASN A 137 21.44 20.95 -4.12
CA ASN A 137 20.89 20.99 -5.46
C ASN A 137 20.93 19.75 -6.33
N ASN A 138 19.93 19.71 -7.22
CA ASN A 138 19.75 18.69 -8.22
C ASN A 138 19.85 17.23 -7.76
N PHE A 139 18.98 16.84 -6.84
CA PHE A 139 19.00 15.47 -6.36
C PHE A 139 17.70 14.73 -6.66
N TYR A 140 17.73 13.40 -6.51
CA TYR A 140 16.56 12.57 -6.73
C TYR A 140 16.86 11.25 -6.04
N PRO A 141 15.89 10.68 -5.29
CA PRO A 141 14.54 11.16 -5.05
C PRO A 141 14.48 12.35 -4.09
N LYS A 142 13.29 12.85 -3.81
CA LYS A 142 13.13 14.01 -2.94
C LYS A 142 13.43 13.81 -1.47
N ASP A 143 13.29 12.57 -1.00
CA ASP A 143 13.57 12.27 0.40
C ASP A 143 14.99 12.64 0.76
N ILE A 144 15.14 13.56 1.72
CA ILE A 144 16.46 14.02 2.13
C ILE A 144 16.42 14.60 3.54
N ASN A 145 17.57 14.58 4.22
CA ASN A 145 17.65 15.15 5.53
C ASN A 145 18.89 16.01 5.67
N VAL A 146 18.70 17.20 6.24
CA VAL A 146 19.79 18.13 6.45
C VAL A 146 19.95 18.31 7.94
N LYS A 147 21.19 18.28 8.39
CA LYS A 147 21.50 18.46 9.79
C LYS A 147 22.57 19.54 9.93
N TRP A 148 22.41 20.41 10.91
CA TRP A 148 23.38 21.46 11.18
C TRP A 148 24.11 21.15 12.47
N LYS A 149 25.40 21.50 12.50
CA LYS A 149 26.23 21.30 13.68
C LYS A 149 27.05 22.55 13.91
N ILE A 150 27.02 23.07 15.13
CA ILE A 150 27.80 24.23 15.50
C ILE A 150 28.79 23.66 16.49
N ASP A 151 30.07 23.67 16.10
CA ASP A 151 31.15 23.12 16.92
C ASP A 151 30.89 21.62 17.20
N GLY A 152 30.39 20.94 16.16
CA GLY A 152 30.09 19.52 16.25
C GLY A 152 28.81 19.15 16.98
N SER A 153 28.02 20.16 17.34
CA SER A 153 26.79 19.95 18.07
C SER A 153 25.57 20.27 17.24
N GLU A 154 24.61 19.35 17.22
CA GLU A 154 23.38 19.54 16.46
C GLU A 154 22.63 20.82 16.84
N ARG A 155 22.28 21.61 15.83
CA ARG A 155 21.56 22.86 16.01
C ARG A 155 20.17 22.66 15.42
N GLN A 156 19.19 22.71 16.31
CA GLN A 156 17.80 22.52 15.95
C GLN A 156 17.09 23.83 15.57
N ASN A 157 17.24 24.83 16.44
CA ASN A 157 16.60 26.14 16.28
C ASN A 157 17.23 27.14 15.31
N GLY A 158 16.37 27.91 14.65
CA GLY A 158 16.86 28.92 13.74
C GLY A 158 17.05 28.54 12.30
N VAL A 159 16.87 27.26 11.97
CA VAL A 159 17.04 26.85 10.58
C VAL A 159 15.71 26.81 9.84
N LEU A 160 15.72 27.32 8.62
CA LEU A 160 14.55 27.36 7.76
C LEU A 160 14.91 26.65 6.46
N ASN A 161 14.05 25.72 6.04
CA ASN A 161 14.29 24.97 4.81
C ASN A 161 13.31 25.36 3.70
N SER A 162 13.80 25.44 2.48
CA SER A 162 12.91 25.77 1.37
C SER A 162 13.21 24.85 0.19
N ALA A 163 12.17 24.32 -0.42
CA ALA A 163 12.33 23.38 -1.52
C ALA A 163 11.65 23.82 -2.82
N THR A 164 12.31 23.57 -3.95
CA THR A 164 11.74 23.90 -5.25
C THR A 164 10.89 22.69 -5.67
N ASP A 165 9.95 22.92 -6.58
CA ASP A 165 9.11 21.85 -7.08
C ASP A 165 10.00 21.00 -7.99
N GLN A 166 9.61 19.76 -8.24
CA GLN A 166 10.41 18.91 -9.14
C GLN A 166 10.61 19.64 -10.47
N ASP A 167 11.88 19.70 -10.92
CA ASP A 167 12.19 20.37 -12.18
C ASP A 167 11.42 19.81 -13.36
N SER A 168 10.78 20.70 -14.12
CA SER A 168 10.00 20.29 -15.28
C SER A 168 10.85 19.71 -16.40
N LYS A 169 12.13 20.06 -16.41
CA LYS A 169 13.03 19.59 -17.43
C LYS A 169 13.89 18.38 -16.99
N ASP A 170 14.63 18.52 -15.89
CA ASP A 170 15.49 17.40 -15.44
C ASP A 170 14.94 16.50 -14.34
N SER A 171 13.68 16.73 -13.97
CA SER A 171 12.99 15.98 -12.92
C SER A 171 13.72 15.85 -11.55
N THR A 172 14.67 16.73 -11.26
CA THR A 172 15.34 16.72 -9.95
C THR A 172 14.68 17.71 -9.00
N TYR A 173 15.12 17.68 -7.75
CA TYR A 173 14.64 18.56 -6.70
C TYR A 173 15.85 19.29 -6.17
N SER A 174 15.62 20.44 -5.53
CA SER A 174 16.69 21.23 -4.95
C SER A 174 16.16 21.79 -3.66
N MET A 175 17.05 22.16 -2.75
CA MET A 175 16.64 22.66 -1.45
C MET A 175 17.67 23.62 -0.85
N SER A 176 17.20 24.56 -0.04
CA SER A 176 18.09 25.48 0.65
C SER A 176 17.80 25.31 2.13
N SER A 177 18.83 25.36 2.94
CA SER A 177 18.70 25.25 4.37
C SER A 177 19.53 26.38 4.92
N THR A 178 18.91 27.25 5.70
CA THR A 178 19.65 28.36 6.26
C THR A 178 19.45 28.54 7.75
N LEU A 179 20.58 28.66 8.42
CA LEU A 179 20.62 28.86 9.85
C LEU A 179 20.79 30.35 10.10
N THR A 180 19.84 30.95 10.81
CA THR A 180 19.91 32.36 11.09
C THR A 180 20.14 32.61 12.56
N LEU A 181 21.23 33.29 12.89
CA LEU A 181 21.61 33.62 14.26
C LEU A 181 21.89 35.11 14.29
N THR A 182 22.24 35.61 15.46
CA THR A 182 22.59 37.03 15.61
C THR A 182 24.09 37.05 15.42
N LYS A 183 24.67 38.23 15.23
CA LYS A 183 26.11 38.28 15.05
C LYS A 183 26.84 37.76 16.27
N ASP A 184 26.30 38.06 17.45
CA ASP A 184 26.90 37.63 18.69
C ASP A 184 26.86 36.13 18.91
N GLU A 185 25.71 35.52 18.60
CA GLU A 185 25.57 34.07 18.72
C GLU A 185 26.54 33.42 17.74
N TYR A 186 26.50 33.84 16.47
CA TYR A 186 27.40 33.32 15.45
C TYR A 186 28.87 33.48 15.82
N GLU A 187 29.23 34.63 16.38
CA GLU A 187 30.63 34.88 16.72
C GLU A 187 31.16 34.22 17.97
N ARG A 188 30.31 33.40 18.61
CA ARG A 188 30.71 32.68 19.81
C ARG A 188 31.07 31.23 19.44
N HIS A 189 31.15 30.96 18.14
CA HIS A 189 31.48 29.61 17.67
C HIS A 189 32.47 29.61 16.52
N ASN A 190 33.06 28.45 16.26
CA ASN A 190 34.07 28.31 15.22
C ASN A 190 33.62 27.48 14.02
N SER A 191 33.24 26.24 14.29
CA SER A 191 32.82 25.32 13.24
C SER A 191 31.31 25.28 12.96
N TYR A 192 30.95 25.44 11.67
CA TYR A 192 29.57 25.37 11.21
C TYR A 192 29.51 24.27 10.16
N THR A 193 28.55 23.37 10.29
CA THR A 193 28.46 22.24 9.38
C THR A 193 27.06 21.91 8.86
N CYS A 194 26.98 21.72 7.55
CA CYS A 194 25.75 21.36 6.88
C CYS A 194 25.93 19.91 6.41
N GLU A 195 25.12 19.02 6.95
CA GLU A 195 25.22 17.60 6.60
C GLU A 195 23.98 17.03 5.95
N ALA A 196 24.15 16.47 4.77
CA ALA A 196 23.04 15.91 4.04
C ALA A 196 23.09 14.40 3.92
N THR A 197 22.04 13.74 4.38
CA THR A 197 21.93 12.30 4.26
C THR A 197 20.85 12.00 3.22
N HIS A 198 21.22 11.26 2.19
CA HIS A 198 20.35 10.91 1.06
C HIS A 198 20.67 9.45 0.69
N LYS A 199 19.70 8.70 0.16
CA LYS A 199 19.96 7.30 -0.20
C LYS A 199 21.12 7.11 -1.19
N THR A 200 21.54 8.20 -1.84
CA THR A 200 22.63 8.12 -2.80
C THR A 200 24.01 7.99 -2.19
N SER A 201 24.11 7.83 -0.88
CA SER A 201 25.41 7.63 -0.27
C SER A 201 25.23 7.14 1.15
N THR A 202 26.11 6.25 1.58
CA THR A 202 26.08 5.75 2.95
C THR A 202 26.78 6.74 3.89
N SER A 203 27.77 7.47 3.36
CA SER A 203 28.48 8.52 4.12
C SER A 203 27.77 9.82 3.79
N PRO A 204 27.01 10.41 4.76
CA PRO A 204 26.36 11.69 4.46
C PRO A 204 27.35 12.69 3.87
N ILE A 205 26.83 13.61 3.06
CA ILE A 205 27.70 14.62 2.45
C ILE A 205 27.83 15.72 3.49
N VAL A 206 29.08 16.02 3.86
CA VAL A 206 29.34 17.02 4.88
C VAL A 206 30.07 18.22 4.33
N LYS A 207 29.55 19.41 4.61
CA LYS A 207 30.19 20.65 4.14
C LYS A 207 30.33 21.57 5.34
N SER A 208 31.46 22.24 5.47
CA SER A 208 31.64 23.12 6.60
C SER A 208 32.72 24.16 6.39
N PHE A 209 32.84 25.06 7.36
CA PHE A 209 33.85 26.10 7.36
C PHE A 209 34.15 26.46 8.79
N ASN A 210 35.31 27.09 8.98
CA ASN A 210 35.69 27.55 10.30
C ASN A 210 35.75 29.06 10.19
N ARG A 211 35.07 29.73 11.13
CA ARG A 211 34.99 31.18 11.17
C ARG A 211 36.37 31.89 11.23
N ASN A 212 37.29 31.34 12.03
CA ASN A 212 38.62 31.95 12.17
C ASN A 212 39.53 31.94 10.94
N GLU A 213 39.23 31.11 9.96
CA GLU A 213 40.04 31.08 8.73
C GLU A 213 39.39 32.12 7.83
N CYS A 214 38.10 31.89 7.56
CA CYS A 214 37.29 32.75 6.71
C CYS A 214 36.70 33.92 7.53
N GLU B 1 -15.86 27.14 -23.60
CA GLU B 1 -16.44 26.10 -22.71
C GLU B 1 -16.94 26.71 -21.40
N VAL B 2 -17.56 25.87 -20.58
CA VAL B 2 -18.06 26.29 -19.28
C VAL B 2 -16.83 26.72 -18.50
N GLN B 3 -16.85 27.94 -17.97
CA GLN B 3 -15.70 28.42 -17.23
C GLN B 3 -16.02 29.39 -16.08
N LEU B 4 -15.27 29.25 -14.99
CA LEU B 4 -15.37 30.09 -13.81
C LEU B 4 -14.05 30.84 -13.74
N GLN B 5 -14.11 32.16 -13.88
CA GLN B 5 -12.93 33.00 -13.88
C GLN B 5 -12.89 33.84 -12.59
N GLN B 6 -11.84 33.65 -11.78
CA GLN B 6 -11.71 34.40 -10.53
C GLN B 6 -10.76 35.59 -10.62
N SER B 7 -10.95 36.55 -9.71
CA SER B 7 -10.14 37.75 -9.72
C SER B 7 -8.67 37.48 -9.31
N GLY B 8 -7.77 38.42 -9.61
CA GLY B 8 -6.35 38.23 -9.29
C GLY B 8 -5.98 38.24 -7.81
N ALA B 9 -4.77 37.79 -7.51
CA ALA B 9 -4.24 37.72 -6.14
C ALA B 9 -4.21 39.05 -5.42
N GLU B 10 -4.47 39.04 -4.12
CA GLU B 10 -4.49 40.25 -3.32
C GLU B 10 -3.54 40.14 -2.13
N VAL B 11 -2.82 41.22 -1.85
CA VAL B 11 -1.96 41.31 -0.69
C VAL B 11 -2.66 42.37 0.15
N VAL B 12 -3.25 41.97 1.26
CA VAL B 12 -3.99 42.92 2.10
C VAL B 12 -3.47 43.03 3.53
N ARG B 13 -3.78 44.14 4.17
CA ARG B 13 -3.37 44.38 5.54
C ARG B 13 -4.31 43.74 6.56
N SER B 14 -3.74 43.20 7.64
CA SER B 14 -4.53 42.59 8.69
C SER B 14 -5.57 43.60 9.22
N GLY B 15 -6.78 43.11 9.50
CA GLY B 15 -7.87 43.94 9.99
C GLY B 15 -8.73 44.49 8.89
N ALA B 16 -8.22 44.49 7.67
CA ALA B 16 -9.00 44.99 6.56
C ALA B 16 -9.97 43.96 6.00
N SER B 17 -10.53 44.30 4.85
CA SER B 17 -11.48 43.43 4.18
C SER B 17 -11.12 43.34 2.72
N VAL B 18 -11.59 42.29 2.07
CA VAL B 18 -11.33 42.12 0.65
C VAL B 18 -12.52 41.41 0.02
N LYS B 19 -12.83 41.78 -1.21
CA LYS B 19 -13.95 41.16 -1.90
C LYS B 19 -13.48 40.48 -3.20
N LEU B 20 -13.66 39.17 -3.25
CA LEU B 20 -13.25 38.34 -4.39
C LEU B 20 -14.40 38.10 -5.37
N SER B 21 -14.09 38.01 -6.66
CA SER B 21 -15.12 37.77 -7.66
C SER B 21 -14.90 36.47 -8.41
N CYS B 22 -15.97 35.93 -8.93
CA CYS B 22 -15.93 34.67 -9.67
C CYS B 22 -16.96 34.84 -10.77
N THR B 23 -16.49 34.97 -12.00
CA THR B 23 -17.36 35.17 -13.14
C THR B 23 -17.56 33.96 -14.03
N ALA B 24 -18.83 33.62 -14.27
CA ALA B 24 -19.16 32.50 -15.14
C ALA B 24 -19.33 32.87 -16.60
N SER B 25 -18.79 32.04 -17.48
CA SER B 25 -18.94 32.23 -18.91
C SER B 25 -19.27 30.87 -19.51
N GLY B 26 -19.99 30.89 -20.62
CA GLY B 26 -20.38 29.67 -21.27
C GLY B 26 -21.57 29.00 -20.62
N PHE B 27 -22.03 29.54 -19.49
CA PHE B 27 -23.19 28.97 -18.80
C PHE B 27 -23.75 30.01 -17.83
N ASN B 28 -24.90 29.69 -17.22
CA ASN B 28 -25.58 30.58 -16.30
C ASN B 28 -25.57 29.98 -14.90
N ILE B 29 -25.22 30.80 -13.92
CA ILE B 29 -25.15 30.34 -12.53
C ILE B 29 -26.47 30.15 -11.81
N LYS B 30 -27.54 30.69 -12.37
CA LYS B 30 -28.85 30.61 -11.71
C LYS B 30 -29.30 29.25 -11.18
N ASP B 31 -29.09 28.20 -11.97
CA ASP B 31 -29.54 26.88 -11.55
C ASP B 31 -28.45 26.03 -10.89
N TYR B 32 -27.47 26.74 -10.34
CA TYR B 32 -26.37 26.09 -9.64
C TYR B 32 -26.28 26.65 -8.25
N TYR B 33 -25.52 25.97 -7.40
CA TYR B 33 -25.21 26.46 -6.08
C TYR B 33 -23.76 26.82 -6.28
N ILE B 34 -23.35 28.00 -5.84
CA ILE B 34 -21.97 28.41 -6.02
C ILE B 34 -21.30 28.21 -4.67
N HIS B 35 -20.25 27.38 -4.62
CA HIS B 35 -19.59 27.13 -3.34
C HIS B 35 -18.21 27.73 -3.33
N TRP B 36 -17.71 28.00 -2.14
CA TRP B 36 -16.37 28.54 -2.01
C TRP B 36 -15.63 27.59 -1.08
N VAL B 37 -14.38 27.33 -1.41
CA VAL B 37 -13.55 26.45 -0.57
C VAL B 37 -12.15 27.05 -0.45
N LYS B 38 -11.61 26.99 0.77
CA LYS B 38 -10.31 27.57 1.10
C LYS B 38 -9.21 26.53 1.12
N GLN B 39 -8.01 26.93 0.71
CA GLN B 39 -6.88 26.02 0.74
C GLN B 39 -5.65 26.71 1.31
N ARG B 40 -5.31 26.35 2.54
CA ARG B 40 -4.16 26.94 3.19
C ARG B 40 -2.92 26.21 2.74
N PRO B 41 -1.78 26.94 2.75
CA PRO B 41 -0.47 26.40 2.38
C PRO B 41 -0.22 25.15 3.22
N GLU B 42 0.17 24.08 2.55
CA GLU B 42 0.47 22.79 3.18
C GLU B 42 -0.75 22.18 3.86
N LYS B 43 -1.94 22.52 3.40
CA LYS B 43 -3.15 21.99 4.02
C LYS B 43 -4.22 21.65 3.00
N GLY B 44 -5.17 20.82 3.42
CA GLY B 44 -6.24 20.42 2.53
C GLY B 44 -7.35 21.44 2.37
N LEU B 45 -8.15 21.25 1.33
CA LEU B 45 -9.26 22.13 1.04
C LEU B 45 -10.31 22.06 2.12
N GLU B 46 -10.85 23.22 2.52
CA GLU B 46 -11.92 23.29 3.50
C GLU B 46 -13.09 24.11 2.94
N TRP B 47 -14.26 23.52 2.97
CA TRP B 47 -15.48 24.12 2.45
C TRP B 47 -15.90 25.31 3.31
N ILE B 48 -16.31 26.40 2.66
CA ILE B 48 -16.73 27.61 3.38
C ILE B 48 -18.26 27.68 3.44
N GLY B 49 -18.92 27.37 2.32
CA GLY B 49 -20.37 27.38 2.24
C GLY B 49 -20.82 27.60 0.81
N TRP B 50 -22.12 27.83 0.61
CA TRP B 50 -22.66 28.04 -0.73
C TRP B 50 -23.71 29.13 -0.75
N ILE B 51 -24.05 29.58 -1.95
CA ILE B 51 -25.09 30.61 -2.16
C ILE B 51 -25.94 30.08 -3.31
N ASP B 52 -27.24 30.34 -3.27
CA ASP B 52 -28.15 29.91 -4.34
C ASP B 52 -28.46 31.20 -5.09
N PRO B 53 -27.78 31.47 -6.23
CA PRO B 53 -27.78 32.81 -6.83
C PRO B 53 -29.18 33.19 -7.26
N GLU B 54 -30.07 32.20 -7.33
CA GLU B 54 -31.42 32.44 -7.75
C GLU B 54 -32.25 33.15 -6.72
N ILE B 55 -32.04 32.79 -5.44
CA ILE B 55 -32.81 33.41 -4.38
C ILE B 55 -31.98 34.20 -3.42
N GLY B 56 -30.67 34.06 -3.55
CA GLY B 56 -29.81 34.77 -2.64
C GLY B 56 -29.55 34.04 -1.34
N ASP B 57 -30.20 32.91 -1.11
CA ASP B 57 -29.98 32.12 0.11
C ASP B 57 -28.52 31.64 0.19
N THR B 58 -27.94 31.77 1.37
CA THR B 58 -26.56 31.35 1.61
C THR B 58 -26.50 30.45 2.85
N GLU B 59 -25.47 29.62 2.90
CA GLU B 59 -25.27 28.75 4.05
C GLU B 59 -23.77 28.73 4.35
N TYR B 60 -23.41 29.12 5.56
CA TYR B 60 -22.01 29.14 5.97
C TYR B 60 -21.71 28.07 7.02
N VAL B 61 -20.49 27.55 7.00
CA VAL B 61 -20.08 26.57 8.00
C VAL B 61 -19.65 27.45 9.21
N PRO B 62 -19.78 26.95 10.47
CA PRO B 62 -19.66 27.81 11.66
C PRO B 62 -18.34 28.58 11.83
N LYS B 63 -17.27 28.02 11.29
CA LYS B 63 -15.94 28.62 11.39
C LYS B 63 -15.83 29.93 10.58
N PHE B 64 -16.74 30.13 9.63
CA PHE B 64 -16.70 31.33 8.80
C PHE B 64 -17.85 32.30 8.99
N GLN B 65 -18.62 32.13 10.06
CA GLN B 65 -19.73 33.06 10.35
C GLN B 65 -19.17 34.40 10.76
N GLY B 66 -19.49 35.44 10.00
CA GLY B 66 -19.00 36.76 10.33
C GLY B 66 -17.63 37.02 9.74
N LYS B 67 -17.11 36.01 9.05
CA LYS B 67 -15.82 36.10 8.40
C LYS B 67 -16.07 36.29 6.91
N ALA B 68 -16.90 35.41 6.36
CA ALA B 68 -17.23 35.45 4.94
C ALA B 68 -18.67 35.84 4.65
N THR B 69 -18.84 36.56 3.54
CA THR B 69 -20.15 36.98 3.09
C THR B 69 -20.24 36.74 1.60
N MET B 70 -21.13 35.84 1.19
CA MET B 70 -21.28 35.53 -0.22
C MET B 70 -22.49 36.22 -0.79
N THR B 71 -22.33 36.73 -2.00
CA THR B 71 -23.39 37.39 -2.75
C THR B 71 -23.26 36.90 -4.19
N ALA B 72 -24.29 37.12 -4.97
CA ALA B 72 -24.29 36.71 -6.35
C ALA B 72 -25.20 37.61 -7.16
N ASP B 73 -25.08 37.54 -8.47
CA ASP B 73 -25.88 38.33 -9.36
C ASP B 73 -26.01 37.55 -10.64
N THR B 74 -27.19 36.99 -10.90
CA THR B 74 -27.40 36.18 -12.09
C THR B 74 -27.36 36.89 -13.43
N SER B 75 -27.65 38.19 -13.47
CA SER B 75 -27.58 38.88 -14.76
C SER B 75 -26.17 39.09 -15.25
N SER B 76 -25.21 39.30 -14.35
CA SER B 76 -23.84 39.47 -14.78
C SER B 76 -23.08 38.16 -14.61
N ASN B 77 -23.78 37.15 -14.09
CA ASN B 77 -23.19 35.83 -13.85
C ASN B 77 -21.93 35.92 -12.99
N THR B 78 -22.00 36.66 -11.88
CA THR B 78 -20.84 36.80 -11.00
C THR B 78 -21.21 36.58 -9.54
N ALA B 79 -20.35 35.83 -8.85
CA ALA B 79 -20.53 35.54 -7.43
C ALA B 79 -19.36 36.18 -6.73
N TYR B 80 -19.59 36.68 -5.51
CA TYR B 80 -18.59 37.37 -4.72
C TYR B 80 -18.41 36.77 -3.33
N LEU B 81 -17.18 36.88 -2.82
CA LEU B 81 -16.83 36.43 -1.48
C LEU B 81 -16.14 37.59 -0.77
N GLN B 82 -16.78 38.08 0.27
CA GLN B 82 -16.23 39.17 1.08
C GLN B 82 -15.64 38.60 2.33
N LEU B 83 -14.40 38.96 2.62
CA LEU B 83 -13.73 38.47 3.82
C LEU B 83 -13.37 39.67 4.68
N SER B 84 -13.90 39.74 5.88
CA SER B 84 -13.63 40.90 6.73
C SER B 84 -12.79 40.56 7.95
N SER B 85 -12.31 41.60 8.62
CA SER B 85 -11.45 41.47 9.80
C SER B 85 -10.40 40.39 9.55
N LEU B 86 -9.65 40.57 8.46
CA LEU B 86 -8.65 39.57 8.07
C LEU B 86 -7.46 39.42 9.02
N THR B 87 -6.96 38.20 9.11
CA THR B 87 -5.81 37.85 9.97
C THR B 87 -4.86 36.97 9.15
N SER B 88 -3.67 36.71 9.72
CA SER B 88 -2.68 35.87 9.08
C SER B 88 -3.26 34.52 8.65
N GLU B 89 -4.13 33.96 9.49
CA GLU B 89 -4.77 32.66 9.23
C GLU B 89 -5.67 32.62 8.02
N ASP B 90 -6.06 33.79 7.51
CA ASP B 90 -6.90 33.79 6.32
C ASP B 90 -6.09 33.70 5.03
N THR B 91 -4.77 33.75 5.15
CA THR B 91 -3.91 33.63 3.97
C THR B 91 -4.15 32.22 3.40
N ALA B 92 -4.59 32.18 2.15
CA ALA B 92 -4.91 30.94 1.46
C ALA B 92 -5.35 31.22 0.04
N VAL B 93 -5.56 30.13 -0.72
CA VAL B 93 -6.04 30.25 -2.07
C VAL B 93 -7.54 29.96 -1.93
N TYR B 94 -8.38 30.82 -2.49
CA TYR B 94 -9.83 30.69 -2.41
C TYR B 94 -10.41 30.36 -3.77
N TYR B 95 -11.21 29.30 -3.80
CA TYR B 95 -11.82 28.83 -5.01
C TYR B 95 -13.32 28.96 -4.96
N CYS B 96 -13.92 29.26 -6.10
CA CYS B 96 -15.36 29.24 -6.17
C CYS B 96 -15.57 28.06 -7.12
N ASN B 97 -16.68 27.35 -6.96
CA ASN B 97 -16.97 26.27 -7.87
C ASN B 97 -18.48 26.18 -8.00
N ALA B 98 -18.99 25.38 -8.92
CA ALA B 98 -20.44 25.28 -9.11
C ALA B 98 -20.94 23.89 -9.32
N GLY B 99 -22.17 23.65 -8.88
CA GLY B 99 -22.80 22.36 -9.06
C GLY B 99 -24.30 22.58 -9.13
N HIS B 100 -24.99 21.73 -9.87
CA HIS B 100 -26.45 21.81 -10.04
C HIS B 100 -27.14 21.92 -8.70
N ASP B 101 -28.09 22.83 -8.60
CA ASP B 101 -28.80 23.02 -7.36
C ASP B 101 -29.49 21.78 -6.82
N TYR B 102 -29.95 20.90 -7.71
CA TYR B 102 -30.60 19.65 -7.30
C TYR B 102 -29.63 18.52 -7.03
N ASP B 103 -28.34 18.79 -7.22
CA ASP B 103 -27.27 17.81 -7.06
C ASP B 103 -26.69 17.81 -5.65
N ARG B 104 -26.44 16.62 -5.12
CA ARG B 104 -25.92 16.45 -3.77
C ARG B 104 -24.58 17.12 -3.44
N GLY B 105 -23.68 17.21 -4.42
CA GLY B 105 -22.42 17.84 -4.15
C GLY B 105 -21.25 17.65 -5.11
N ARG B 106 -21.51 17.22 -6.32
CA ARG B 106 -20.45 17.07 -7.31
C ARG B 106 -20.00 18.47 -7.75
N PHE B 107 -18.68 18.65 -7.88
CA PHE B 107 -18.12 19.94 -8.28
C PHE B 107 -17.48 19.86 -9.67
N PRO B 108 -18.30 19.92 -10.73
CA PRO B 108 -17.86 19.82 -12.12
C PRO B 108 -17.15 21.05 -12.64
N TYR B 109 -17.43 22.20 -12.03
CA TYR B 109 -16.78 23.43 -12.46
C TYR B 109 -16.12 24.18 -11.32
N TRP B 110 -14.86 24.53 -11.53
CA TRP B 110 -14.07 25.23 -10.53
C TRP B 110 -13.37 26.43 -11.15
N GLY B 111 -13.24 27.50 -10.37
CA GLY B 111 -12.50 28.66 -10.82
C GLY B 111 -11.03 28.30 -10.57
N GLN B 112 -10.10 29.10 -11.08
CA GLN B 112 -8.67 28.83 -10.90
C GLN B 112 -8.10 29.18 -9.53
N GLY B 113 -8.92 29.81 -8.70
CA GLY B 113 -8.49 30.20 -7.36
C GLY B 113 -7.90 31.59 -7.28
N THR B 114 -8.01 32.21 -6.11
CA THR B 114 -7.46 33.52 -5.86
C THR B 114 -6.64 33.45 -4.58
N LEU B 115 -5.37 33.84 -4.70
CA LEU B 115 -4.48 33.82 -3.53
C LEU B 115 -4.63 35.14 -2.75
N VAL B 116 -4.98 35.01 -1.47
CA VAL B 116 -5.11 36.17 -0.60
C VAL B 116 -4.01 36.08 0.45
N THR B 117 -3.17 37.11 0.54
CA THR B 117 -2.07 37.14 1.52
C THR B 117 -2.31 38.26 2.52
N VAL B 118 -2.54 37.89 3.79
CA VAL B 118 -2.80 38.86 4.86
C VAL B 118 -1.58 39.04 5.78
N SER B 119 -1.22 40.29 6.02
CA SER B 119 -0.09 40.61 6.89
C SER B 119 -0.17 42.04 7.42
N ALA B 120 0.31 42.28 8.64
CA ALA B 120 0.31 43.64 9.22
C ALA B 120 1.61 44.41 8.95
N ALA B 121 2.52 43.78 8.19
CA ALA B 121 3.80 44.35 7.82
C ALA B 121 3.71 45.53 6.86
N LYS B 122 4.74 46.37 6.84
CA LYS B 122 4.78 47.53 5.94
C LYS B 122 5.67 47.13 4.78
N THR B 123 5.58 47.80 3.62
CA THR B 123 6.47 47.40 2.52
C THR B 123 7.89 47.80 2.89
N THR B 124 8.80 46.83 2.74
CA THR B 124 10.21 46.95 3.11
C THR B 124 11.07 46.41 1.97
N PRO B 125 12.08 47.17 1.53
CA PRO B 125 13.03 46.75 0.50
C PRO B 125 13.94 45.64 1.05
N PRO B 126 14.46 44.78 0.17
CA PRO B 126 15.28 43.69 0.68
C PRO B 126 16.75 44.07 0.82
N SER B 127 17.46 43.34 1.68
CA SER B 127 18.91 43.47 1.84
C SER B 127 19.43 42.30 1.01
N VAL B 128 20.40 42.53 0.15
CA VAL B 128 20.96 41.48 -0.72
C VAL B 128 22.42 41.20 -0.32
N TYR B 129 22.67 39.98 0.15
CA TYR B 129 24.01 39.58 0.58
C TYR B 129 24.67 38.59 -0.38
N PRO B 130 25.94 38.83 -0.71
CA PRO B 130 26.64 37.94 -1.64
C PRO B 130 27.09 36.68 -0.89
N LEU B 131 26.96 35.54 -1.58
CA LEU B 131 27.33 34.24 -1.05
C LEU B 131 28.49 33.75 -1.89
N ALA B 132 29.69 33.98 -1.37
CA ALA B 132 30.93 33.58 -2.04
C ALA B 132 31.58 32.46 -1.27
N PRO B 133 32.27 31.55 -1.98
CA PRO B 133 32.83 30.41 -1.25
C PRO B 133 34.16 30.76 -0.56
N GLY B 134 34.34 30.26 0.68
CA GLY B 134 35.57 30.50 1.44
C GLY B 134 36.83 30.04 0.70
N SER B 135 37.99 30.55 1.09
CA SER B 135 39.24 30.17 0.43
C SER B 135 39.79 28.82 0.88
N ALA B 136 38.99 27.77 0.70
CA ALA B 136 39.39 26.42 1.09
C ALA B 136 40.15 25.75 -0.06
N ALA B 137 41.47 25.67 0.08
CA ALA B 137 42.32 25.05 -0.93
C ALA B 137 42.18 23.52 -0.92
N GLN B 138 41.24 23.03 -1.72
CA GLN B 138 40.97 21.60 -1.81
C GLN B 138 40.81 21.11 -3.25
N THR B 139 41.02 22.00 -4.21
CA THR B 139 40.91 21.70 -5.65
C THR B 139 39.57 21.06 -6.05
N ASN B 140 38.82 21.74 -6.91
CA ASN B 140 37.52 21.23 -7.35
C ASN B 140 37.08 21.83 -8.69
N SER B 141 36.09 21.18 -9.30
CA SER B 141 35.52 21.60 -10.59
C SER B 141 34.46 22.72 -10.39
N MET B 142 33.25 22.54 -10.96
CA MET B 142 32.16 23.54 -10.89
C MET B 142 32.12 24.37 -9.61
N VAL B 143 31.76 25.64 -9.73
CA VAL B 143 31.64 26.47 -8.54
C VAL B 143 30.20 27.03 -8.41
N THR B 144 29.68 27.02 -7.19
CA THR B 144 28.33 27.54 -6.92
C THR B 144 28.41 28.86 -6.11
N LEU B 145 27.77 29.89 -6.65
CA LEU B 145 27.71 31.21 -6.02
C LEU B 145 26.24 31.46 -5.65
N GLY B 146 25.97 32.44 -4.80
CA GLY B 146 24.59 32.71 -4.46
C GLY B 146 24.39 34.11 -3.96
N CYS B 147 23.11 34.47 -3.78
CA CYS B 147 22.69 35.75 -3.22
C CYS B 147 21.54 35.48 -2.26
N LEU B 148 21.62 36.03 -1.05
CA LEU B 148 20.62 35.91 0.00
C LEU B 148 19.85 37.21 -0.07
N VAL B 149 18.53 37.12 -0.26
CA VAL B 149 17.65 38.29 -0.32
C VAL B 149 16.81 38.18 0.95
N LYS B 150 16.98 39.16 1.82
CA LYS B 150 16.34 39.09 3.10
C LYS B 150 15.61 40.31 3.62
N GLY B 151 14.56 40.07 4.39
CA GLY B 151 13.82 41.13 5.07
C GLY B 151 12.94 42.04 4.25
N TYR B 152 12.30 41.50 3.21
CA TYR B 152 11.43 42.31 2.39
C TYR B 152 9.94 41.95 2.52
N PHE B 153 9.10 42.88 2.11
CA PHE B 153 7.65 42.71 2.11
C PHE B 153 7.09 43.76 1.15
N PRO B 154 6.12 43.37 0.32
CA PRO B 154 5.59 42.01 0.17
C PRO B 154 6.31 41.22 -0.93
N GLU B 155 5.79 40.04 -1.26
CA GLU B 155 6.31 39.29 -2.37
C GLU B 155 5.78 39.95 -3.65
N PRO B 156 6.45 39.71 -4.78
CA PRO B 156 7.70 38.96 -4.82
C PRO B 156 8.92 39.82 -5.12
N VAL B 157 10.05 39.14 -5.30
CA VAL B 157 11.30 39.77 -5.75
C VAL B 157 11.65 38.86 -6.92
N THR B 158 12.39 39.39 -7.88
CA THR B 158 12.82 38.58 -9.00
C THR B 158 14.33 38.63 -8.95
N VAL B 159 14.96 37.52 -9.33
CA VAL B 159 16.41 37.52 -9.33
C VAL B 159 16.95 36.84 -10.57
N THR B 160 17.90 37.51 -11.20
CA THR B 160 18.56 37.00 -12.39
C THR B 160 20.07 37.04 -12.12
N TRP B 161 20.83 36.42 -13.01
CA TRP B 161 22.28 36.38 -12.88
C TRP B 161 22.85 36.89 -14.20
N ASN B 162 23.72 37.91 -14.11
CA ASN B 162 24.33 38.52 -15.28
C ASN B 162 23.28 39.00 -16.25
N SER B 163 22.22 39.58 -15.68
CA SER B 163 21.11 40.14 -16.45
C SER B 163 20.37 39.14 -17.31
N GLY B 164 20.29 37.91 -16.82
CA GLY B 164 19.60 36.87 -17.56
C GLY B 164 20.47 36.06 -18.50
N SER B 165 21.75 36.45 -18.64
CA SER B 165 22.65 35.71 -19.51
C SER B 165 22.94 34.33 -18.90
N LEU B 166 23.00 34.27 -17.57
CA LEU B 166 23.20 33.00 -16.86
C LEU B 166 21.84 32.51 -16.42
N SER B 167 21.25 31.60 -17.20
CA SER B 167 19.93 31.06 -16.89
C SER B 167 19.96 29.61 -16.45
N SER B 168 20.77 28.80 -17.14
CA SER B 168 20.88 27.41 -16.79
C SER B 168 21.74 27.36 -15.54
N GLY B 169 21.48 26.40 -14.67
CA GLY B 169 22.27 26.28 -13.46
C GLY B 169 21.84 27.12 -12.29
N VAL B 170 20.77 27.91 -12.43
CA VAL B 170 20.32 28.73 -11.30
C VAL B 170 19.08 28.13 -10.62
N HIS B 171 19.08 28.26 -9.30
CA HIS B 171 17.98 27.81 -8.46
C HIS B 171 17.56 28.97 -7.56
N THR B 172 16.33 29.42 -7.73
CA THR B 172 15.82 30.48 -6.90
C THR B 172 14.69 29.86 -6.08
N PHE B 173 14.90 29.79 -4.78
CA PHE B 173 13.96 29.18 -3.87
C PHE B 173 12.77 30.02 -3.48
N PRO B 174 11.63 29.33 -3.19
CA PRO B 174 10.44 29.97 -2.60
C PRO B 174 10.81 30.75 -1.37
N ALA B 175 10.17 31.91 -1.20
CA ALA B 175 10.42 32.75 -0.04
C ALA B 175 9.72 32.17 1.18
N VAL B 176 10.23 32.49 2.37
CA VAL B 176 9.63 32.03 3.61
C VAL B 176 9.65 33.21 4.56
N LEU B 177 8.70 33.24 5.47
CA LEU B 177 8.59 34.30 6.45
C LEU B 177 9.48 34.09 7.65
N GLN B 178 10.05 35.20 8.11
CA GLN B 178 10.88 35.24 9.29
C GLN B 178 10.35 36.47 9.97
N SER B 179 9.46 36.25 10.93
CA SER B 179 8.83 37.32 11.68
C SER B 179 8.41 38.42 10.72
N ASP B 180 7.25 38.19 10.10
CA ASP B 180 6.64 39.13 9.18
C ASP B 180 7.36 39.56 7.90
N LEU B 181 8.66 39.29 7.78
CA LEU B 181 9.42 39.66 6.59
C LEU B 181 9.90 38.43 5.80
N TYR B 182 9.99 38.55 4.48
CA TYR B 182 10.42 37.47 3.61
C TYR B 182 11.91 37.32 3.35
N THR B 183 12.31 36.09 3.06
CA THR B 183 13.69 35.76 2.75
C THR B 183 13.76 34.61 1.76
N LEU B 184 14.67 34.72 0.80
CA LEU B 184 14.88 33.66 -0.15
C LEU B 184 16.31 33.77 -0.57
N SER B 185 16.79 32.72 -1.23
CA SER B 185 18.16 32.69 -1.75
C SER B 185 18.13 32.20 -3.18
N SER B 186 19.16 32.53 -3.92
CA SER B 186 19.27 32.06 -5.28
C SER B 186 20.72 31.59 -5.42
N SER B 187 20.90 30.42 -6.04
CA SER B 187 22.24 29.88 -6.29
C SER B 187 22.45 29.78 -7.79
N VAL B 188 23.70 29.90 -8.22
CA VAL B 188 24.02 29.77 -9.62
C VAL B 188 25.29 28.90 -9.65
N THR B 189 25.37 28.02 -10.62
CA THR B 189 26.53 27.14 -10.75
C THR B 189 27.13 27.36 -12.12
N VAL B 190 28.44 27.67 -12.12
CA VAL B 190 29.17 27.93 -13.38
C VAL B 190 30.49 27.13 -13.38
N PRO B 191 31.14 26.99 -14.55
CA PRO B 191 32.42 26.28 -14.49
C PRO B 191 33.49 27.00 -13.66
N SER B 192 34.23 26.24 -12.87
CA SER B 192 35.30 26.74 -12.02
C SER B 192 36.27 27.68 -12.74
N SER B 193 36.58 27.35 -14.00
CA SER B 193 37.50 28.16 -14.78
C SER B 193 36.98 29.54 -15.19
N THR B 194 35.65 29.67 -15.26
CA THR B 194 35.01 30.93 -15.65
C THR B 194 34.79 31.92 -14.51
N TRP B 195 35.00 31.50 -13.27
CA TRP B 195 34.83 32.40 -12.13
C TRP B 195 35.99 32.20 -11.21
N PRO B 196 36.74 33.27 -10.89
CA PRO B 196 36.36 34.67 -11.00
C PRO B 196 36.90 35.42 -12.20
N SER B 197 37.45 34.72 -13.18
CA SER B 197 37.98 35.41 -14.36
C SER B 197 36.89 36.15 -15.09
N GLU B 198 35.65 35.71 -14.92
CA GLU B 198 34.50 36.35 -15.55
C GLU B 198 33.52 36.71 -14.45
N THR B 199 33.06 37.96 -14.46
CA THR B 199 32.14 38.47 -13.45
C THR B 199 30.81 37.73 -13.32
N VAL B 200 30.33 37.59 -12.10
CA VAL B 200 29.05 36.97 -11.83
C VAL B 200 28.32 37.91 -10.86
N THR B 201 27.21 38.47 -11.33
CA THR B 201 26.41 39.41 -10.55
C THR B 201 24.97 38.97 -10.48
N CYS B 202 24.36 39.05 -9.28
CA CYS B 202 22.94 38.72 -9.15
C CYS B 202 22.19 40.03 -9.15
N ASN B 203 21.11 40.08 -9.93
CA ASN B 203 20.28 41.27 -10.06
C ASN B 203 18.95 40.98 -9.36
N VAL B 204 18.69 41.71 -8.28
CA VAL B 204 17.47 41.56 -7.51
C VAL B 204 16.57 42.78 -7.66
N ALA B 205 15.29 42.52 -7.91
CA ALA B 205 14.31 43.59 -8.10
C ALA B 205 13.14 43.34 -7.17
N HIS B 206 12.61 44.43 -6.60
CA HIS B 206 11.49 44.37 -5.70
C HIS B 206 10.57 45.51 -6.09
N PRO B 207 9.61 45.21 -7.00
CA PRO B 207 8.77 46.24 -7.61
C PRO B 207 7.97 47.03 -6.59
N ALA B 208 7.52 46.35 -5.52
CA ALA B 208 6.73 47.00 -4.48
C ALA B 208 7.44 48.19 -3.85
N SER B 209 8.76 48.08 -3.65
CA SER B 209 9.54 49.17 -3.08
C SER B 209 10.35 49.97 -4.12
N SER B 210 10.13 49.69 -5.40
CA SER B 210 10.82 50.36 -6.50
C SER B 210 12.34 50.33 -6.31
N THR B 211 12.83 49.14 -5.99
CA THR B 211 14.25 48.92 -5.73
C THR B 211 14.83 47.87 -6.66
N LYS B 212 16.06 48.12 -7.10
CA LYS B 212 16.84 47.18 -7.91
C LYS B 212 18.24 47.19 -7.25
N VAL B 213 18.78 46.01 -6.98
CA VAL B 213 20.10 45.88 -6.35
C VAL B 213 20.95 44.85 -7.13
N ASP B 214 22.17 45.23 -7.52
CA ASP B 214 23.08 44.31 -8.22
C ASP B 214 24.24 44.05 -7.27
N LYS B 215 24.49 42.79 -6.96
CA LYS B 215 25.59 42.40 -6.09
C LYS B 215 26.56 41.56 -6.91
N LYS B 216 27.79 42.03 -7.07
CA LYS B 216 28.82 41.29 -7.81
C LYS B 216 29.49 40.36 -6.81
N ILE B 217 29.57 39.08 -7.13
CA ILE B 217 30.19 38.12 -6.21
C ILE B 217 31.71 38.12 -6.40
N VAL B 218 32.44 38.49 -5.35
CA VAL B 218 33.88 38.51 -5.41
C VAL B 218 34.43 37.54 -4.38
N PRO B 219 35.61 36.98 -4.65
CA PRO B 219 36.30 36.00 -3.80
C PRO B 219 36.54 36.52 -2.39
N ARG B 220 36.43 35.61 -1.41
CA ARG B 220 36.61 35.84 0.04
C ARG B 220 35.26 35.79 0.77
N ASP B 221 35.00 36.75 1.68
CA ASP B 221 33.74 36.80 2.44
C ASP B 221 33.16 38.23 2.58
N ASP C 1 16.80 -17.35 18.63
CA ASP C 1 16.28 -17.39 17.22
C ASP C 1 15.80 -16.03 16.76
N ILE C 2 16.17 -15.65 15.55
CA ILE C 2 15.77 -14.37 15.00
C ILE C 2 14.37 -14.52 14.41
N VAL C 3 13.47 -13.64 14.86
CA VAL C 3 12.11 -13.65 14.36
C VAL C 3 11.97 -12.77 13.14
N MET C 4 11.47 -13.34 12.04
CA MET C 4 11.24 -12.59 10.79
C MET C 4 9.72 -12.40 10.67
N THR C 5 9.29 -11.16 10.86
CA THR C 5 7.88 -10.81 10.87
C THR C 5 7.30 -10.21 9.60
N GLN C 6 6.32 -10.90 9.03
CA GLN C 6 5.60 -10.44 7.85
C GLN C 6 4.21 -10.14 8.40
N SER C 7 3.98 -8.89 8.76
CA SER C 7 2.72 -8.45 9.34
C SER C 7 1.45 -8.68 8.51
N GLN C 8 1.59 -8.72 7.18
CA GLN C 8 0.45 -8.93 6.29
C GLN C 8 0.30 -10.36 5.80
N LYS C 9 -0.74 -11.07 6.25
CA LYS C 9 -0.95 -12.44 5.80
C LYS C 9 -1.48 -12.49 4.36
N PHE C 10 -2.32 -11.51 4.02
CA PHE C 10 -2.92 -11.42 2.68
C PHE C 10 -2.88 -10.00 2.16
N MET C 11 -2.84 -9.86 0.84
CA MET C 11 -2.83 -8.56 0.16
C MET C 11 -3.58 -8.72 -1.15
N SER C 12 -4.60 -7.89 -1.37
CA SER C 12 -5.33 -7.95 -2.62
C SER C 12 -4.59 -7.07 -3.62
N THR C 13 -4.47 -7.53 -4.87
CA THR C 13 -3.76 -6.77 -5.87
C THR C 13 -4.49 -6.92 -7.22
N SER C 14 -4.03 -6.16 -8.21
CA SER C 14 -4.56 -6.23 -9.57
C SER C 14 -3.33 -6.21 -10.48
N VAL C 15 -3.42 -6.81 -11.67
CA VAL C 15 -2.28 -6.79 -12.58
C VAL C 15 -1.93 -5.36 -12.99
N GLY C 16 -0.64 -5.07 -13.07
CA GLY C 16 -0.17 -3.74 -13.38
C GLY C 16 0.16 -3.03 -12.09
N ASP C 17 -0.39 -3.49 -10.96
CA ASP C 17 -0.10 -2.80 -9.70
C ASP C 17 1.34 -2.96 -9.27
N ARG C 18 1.81 -2.00 -8.52
CA ARG C 18 3.13 -2.08 -7.96
C ARG C 18 2.82 -2.57 -6.54
N VAL C 19 3.39 -3.71 -6.13
CA VAL C 19 3.09 -4.22 -4.80
C VAL C 19 4.35 -4.38 -3.96
N SER C 20 4.23 -4.07 -2.68
CA SER C 20 5.35 -4.16 -1.76
C SER C 20 4.97 -5.00 -0.57
N ILE C 21 5.87 -5.92 -0.22
CA ILE C 21 5.65 -6.83 0.90
C ILE C 21 6.76 -6.59 1.89
N THR C 22 6.40 -6.41 3.16
CA THR C 22 7.36 -6.13 4.19
C THR C 22 7.73 -7.32 5.04
N CYS C 23 8.92 -7.21 5.62
CA CYS C 23 9.49 -8.25 6.48
C CYS C 23 10.40 -7.55 7.46
N LYS C 24 10.16 -7.76 8.76
CA LYS C 24 10.94 -7.11 9.79
C LYS C 24 11.72 -8.13 10.61
N ALA C 25 13.01 -7.90 10.82
CA ALA C 25 13.85 -8.84 11.59
C ALA C 25 13.94 -8.32 13.01
N SER C 26 13.99 -9.22 13.99
CA SER C 26 14.04 -8.82 15.40
C SER C 26 15.41 -8.33 15.83
N GLN C 27 16.37 -8.41 14.93
CA GLN C 27 17.69 -7.89 15.23
C GLN C 27 18.37 -7.69 13.89
N ASN C 28 19.21 -6.66 13.83
CA ASN C 28 19.96 -6.33 12.65
C ASN C 28 20.58 -7.57 12.02
N VAL C 29 20.29 -7.74 10.73
CA VAL C 29 20.81 -8.85 9.94
C VAL C 29 21.56 -8.35 8.70
N GLY C 30 21.96 -7.08 8.70
CA GLY C 30 22.67 -6.50 7.55
C GLY C 30 21.84 -6.65 6.28
N THR C 31 22.43 -7.18 5.21
CA THR C 31 21.68 -7.39 3.97
C THR C 31 21.58 -8.89 3.69
N ALA C 32 21.69 -9.71 4.74
CA ALA C 32 21.65 -11.17 4.64
C ALA C 32 20.23 -11.73 4.72
N VAL C 33 19.42 -11.38 3.72
CA VAL C 33 18.02 -11.79 3.63
C VAL C 33 17.70 -12.24 2.21
N ALA C 34 16.81 -13.21 2.09
CA ALA C 34 16.40 -13.72 0.79
C ALA C 34 14.88 -13.79 0.76
N TRP C 35 14.30 -13.73 -0.42
CA TRP C 35 12.85 -13.82 -0.59
C TRP C 35 12.54 -15.03 -1.47
N TYR C 36 11.49 -15.74 -1.11
CA TYR C 36 11.05 -16.90 -1.86
C TYR C 36 9.60 -16.79 -2.29
N GLN C 37 9.30 -17.36 -3.45
CA GLN C 37 7.95 -17.38 -3.98
C GLN C 37 7.45 -18.83 -3.93
N GLN C 38 6.22 -19.02 -3.50
CA GLN C 38 5.67 -20.37 -3.48
C GLN C 38 4.21 -20.44 -3.90
N LYS C 39 3.91 -21.41 -4.75
CA LYS C 39 2.57 -21.65 -5.24
C LYS C 39 2.10 -22.99 -4.73
N PRO C 40 0.79 -23.21 -4.69
CA PRO C 40 0.24 -24.38 -4.01
C PRO C 40 0.79 -25.69 -4.57
N GLY C 41 1.22 -26.55 -3.66
CA GLY C 41 1.76 -27.85 -4.05
C GLY C 41 3.05 -27.83 -4.84
N GLN C 42 3.77 -26.73 -4.78
CA GLN C 42 5.00 -26.59 -5.53
C GLN C 42 6.17 -26.19 -4.63
N SER C 43 7.37 -26.40 -5.15
CA SER C 43 8.60 -26.05 -4.45
C SER C 43 8.59 -24.53 -4.29
N PRO C 44 9.01 -24.02 -3.12
CA PRO C 44 9.44 -22.60 -3.07
C PRO C 44 10.56 -22.31 -4.05
N LYS C 45 10.73 -21.03 -4.40
CA LYS C 45 11.74 -20.63 -5.37
C LYS C 45 12.43 -19.37 -4.88
N LEU C 46 13.74 -19.32 -5.09
CA LEU C 46 14.54 -18.16 -4.71
C LEU C 46 14.30 -17.01 -5.70
N MET C 47 13.93 -15.86 -5.17
CA MET C 47 13.64 -14.68 -5.99
C MET C 47 14.67 -13.58 -5.76
N ILE C 48 14.95 -13.27 -4.50
CA ILE C 48 15.87 -12.21 -4.15
C ILE C 48 16.80 -12.75 -3.08
N TYR C 49 18.05 -12.30 -3.11
CA TYR C 49 19.02 -12.71 -2.10
C TYR C 49 19.88 -11.49 -1.80
N SER C 50 20.58 -11.50 -0.66
CA SER C 50 21.38 -10.36 -0.23
C SER C 50 20.51 -9.08 -0.18
N ALA C 51 19.23 -9.26 0.15
CA ALA C 51 18.26 -8.18 0.25
C ALA C 51 17.88 -7.50 -1.06
N SER C 52 18.86 -7.30 -1.95
CA SER C 52 18.65 -6.57 -3.19
C SER C 52 19.05 -7.18 -4.54
N ASN C 53 19.57 -8.40 -4.58
CA ASN C 53 19.95 -9.01 -5.85
C ASN C 53 18.92 -10.03 -6.31
N ARG C 54 18.48 -9.92 -7.56
CA ARG C 54 17.56 -10.92 -8.10
C ARG C 54 18.35 -12.16 -8.47
N TYR C 55 17.77 -13.32 -8.16
CA TYR C 55 18.39 -14.57 -8.50
C TYR C 55 18.19 -14.84 -9.99
N THR C 56 19.10 -15.58 -10.61
CA THR C 56 18.99 -15.87 -12.04
C THR C 56 17.66 -16.53 -12.50
N GLY C 57 17.14 -16.06 -13.65
CA GLY C 57 15.87 -16.55 -14.16
C GLY C 57 14.67 -15.86 -13.52
N VAL C 58 14.91 -14.87 -12.66
CA VAL C 58 13.82 -14.18 -11.97
C VAL C 58 13.43 -12.88 -12.72
N PRO C 59 12.14 -12.70 -13.05
CA PRO C 59 11.68 -11.50 -13.76
C PRO C 59 12.13 -10.24 -13.10
N ASP C 60 12.58 -9.29 -13.92
CA ASP C 60 13.12 -8.04 -13.43
C ASP C 60 12.08 -7.16 -12.78
N ARG C 61 10.82 -7.58 -12.84
CA ARG C 61 9.80 -6.80 -12.16
C ARG C 61 9.90 -7.05 -10.65
N PHE C 62 10.73 -8.02 -10.25
CA PHE C 62 10.95 -8.27 -8.81
C PHE C 62 12.21 -7.54 -8.34
N THR C 63 12.11 -6.77 -7.25
CA THR C 63 13.28 -6.10 -6.68
C THR C 63 13.13 -6.19 -5.17
N GLY C 64 14.22 -5.97 -4.44
CA GLY C 64 14.16 -6.03 -3.02
C GLY C 64 15.03 -4.93 -2.47
N SER C 65 14.75 -4.51 -1.25
CA SER C 65 15.52 -3.45 -0.65
C SER C 65 15.43 -3.58 0.84
N GLY C 66 16.20 -2.75 1.55
CA GLY C 66 16.18 -2.79 2.99
C GLY C 66 17.50 -3.28 3.52
N SER C 67 17.67 -3.15 4.83
CA SER C 67 18.88 -3.59 5.49
C SER C 67 18.63 -3.45 6.95
N GLY C 68 19.43 -4.16 7.72
CA GLY C 68 19.28 -4.10 9.15
C GLY C 68 18.08 -4.88 9.60
N THR C 69 16.97 -4.20 9.83
CA THR C 69 15.79 -4.88 10.33
C THR C 69 14.56 -4.77 9.45
N ASP C 70 14.55 -3.79 8.55
CA ASP C 70 13.39 -3.57 7.67
C ASP C 70 13.70 -3.89 6.23
N PHE C 71 12.97 -4.86 5.67
CA PHE C 71 13.18 -5.34 4.29
C PHE C 71 11.87 -5.29 3.53
N THR C 72 11.97 -5.16 2.21
CA THR C 72 10.79 -5.08 1.35
C THR C 72 10.99 -5.72 -0.01
N LEU C 73 10.02 -6.54 -0.42
CA LEU C 73 10.03 -7.17 -1.75
C LEU C 73 9.03 -6.37 -2.61
N THR C 74 9.48 -5.85 -3.73
CA THR C 74 8.62 -5.05 -4.59
C THR C 74 8.41 -5.67 -5.96
N ILE C 75 7.16 -5.82 -6.33
CA ILE C 75 6.81 -6.33 -7.66
C ILE C 75 6.24 -5.14 -8.44
N SER C 76 6.92 -4.75 -9.51
CA SER C 76 6.49 -3.65 -10.34
C SER C 76 5.68 -4.30 -11.42
N ASN C 77 4.59 -3.66 -11.83
CA ASN C 77 3.73 -4.19 -12.89
C ASN C 77 3.34 -5.62 -12.63
N MET C 78 2.73 -5.86 -11.47
CA MET C 78 2.35 -7.23 -11.14
C MET C 78 1.56 -7.97 -12.21
N GLN C 79 1.93 -9.22 -12.43
CA GLN C 79 1.26 -10.07 -13.41
C GLN C 79 0.51 -11.21 -12.74
N SER C 80 -0.40 -11.81 -13.47
CA SER C 80 -1.18 -12.91 -12.93
C SER C 80 -0.30 -14.02 -12.33
N GLU C 81 0.79 -14.34 -13.02
CA GLU C 81 1.69 -15.40 -12.57
C GLU C 81 2.39 -15.09 -11.28
N ASP C 82 2.30 -13.83 -10.82
CA ASP C 82 2.94 -13.44 -9.57
C ASP C 82 2.01 -13.69 -8.36
N LEU C 83 0.74 -14.07 -8.61
CA LEU C 83 -0.19 -14.38 -7.51
C LEU C 83 0.33 -15.65 -6.84
N ALA C 84 0.80 -15.52 -5.60
CA ALA C 84 1.39 -16.63 -4.85
C ALA C 84 1.77 -16.20 -3.45
N ASP C 85 2.35 -17.11 -2.67
CA ASP C 85 2.82 -16.80 -1.31
C ASP C 85 4.28 -16.39 -1.39
N TYR C 86 4.67 -15.44 -0.57
CA TYR C 86 6.05 -14.97 -0.56
C TYR C 86 6.55 -14.97 0.86
N PHE C 87 7.79 -15.38 1.05
CA PHE C 87 8.34 -15.34 2.40
C PHE C 87 9.81 -14.98 2.45
N CYS C 88 10.17 -14.24 3.48
CA CYS C 88 11.54 -13.80 3.67
C CYS C 88 12.23 -14.78 4.54
N GLN C 89 13.55 -14.69 4.58
CA GLN C 89 14.40 -15.59 5.37
C GLN C 89 15.69 -14.86 5.67
N GLN C 90 16.21 -15.00 6.89
CA GLN C 90 17.49 -14.38 7.23
C GLN C 90 18.49 -15.52 7.28
N TYR C 91 19.73 -15.23 6.90
CA TYR C 91 20.79 -16.22 6.96
C TYR C 91 22.03 -15.57 7.59
N SER C 92 21.77 -14.69 8.54
CA SER C 92 22.82 -13.97 9.25
C SER C 92 23.33 -14.77 10.45
N SER C 93 22.41 -15.44 11.13
CA SER C 93 22.74 -16.18 12.33
C SER C 93 21.95 -17.47 12.30
N TYR C 94 22.48 -18.52 12.92
CA TYR C 94 21.76 -19.80 12.98
C TYR C 94 20.88 -19.75 14.22
N PRO C 95 19.70 -20.37 14.19
CA PRO C 95 19.13 -21.07 13.05
C PRO C 95 18.58 -20.11 12.03
N LEU C 96 18.67 -20.55 10.79
CA LEU C 96 18.10 -19.79 9.68
C LEU C 96 16.62 -19.79 9.98
N THR C 97 15.99 -18.62 9.85
CA THR C 97 14.57 -18.49 10.13
C THR C 97 13.77 -17.83 8.97
N PHE C 98 12.49 -18.13 8.90
CA PHE C 98 11.63 -17.59 7.85
C PHE C 98 10.45 -16.80 8.38
N GLY C 99 9.92 -15.92 7.53
CA GLY C 99 8.74 -15.15 7.87
C GLY C 99 7.59 -16.13 7.67
N ALA C 100 6.39 -15.77 8.15
CA ALA C 100 5.25 -16.68 8.01
C ALA C 100 4.56 -16.64 6.65
N GLY C 101 5.03 -15.75 5.77
CA GLY C 101 4.46 -15.67 4.44
C GLY C 101 3.36 -14.63 4.24
N THR C 102 3.26 -14.11 3.02
CA THR C 102 2.24 -13.11 2.61
C THR C 102 1.67 -13.63 1.29
N LYS C 103 0.35 -13.80 1.23
CA LYS C 103 -0.29 -14.32 0.02
C LYS C 103 -0.90 -13.21 -0.82
N LEU C 104 -0.50 -13.16 -2.09
CA LEU C 104 -1.02 -12.17 -3.01
C LEU C 104 -2.31 -12.72 -3.63
N GLU C 105 -3.39 -11.96 -3.53
CA GLU C 105 -4.69 -12.38 -4.05
C GLU C 105 -5.18 -11.35 -5.08
N LEU C 106 -6.02 -11.79 -6.00
CA LEU C 106 -6.51 -10.88 -7.04
C LEU C 106 -7.80 -10.13 -6.63
N LYS C 107 -7.84 -8.85 -6.94
CA LYS C 107 -8.97 -8.00 -6.62
C LYS C 107 -10.09 -8.12 -7.68
N ARG C 108 -11.34 -8.19 -7.22
CA ARG C 108 -12.49 -8.22 -8.12
C ARG C 108 -13.63 -7.45 -7.45
N ALA C 109 -14.77 -7.34 -8.13
CA ALA C 109 -15.94 -6.63 -7.59
C ALA C 109 -16.57 -7.42 -6.45
N ASP C 110 -17.20 -6.70 -5.54
CA ASP C 110 -17.84 -7.35 -4.41
C ASP C 110 -18.95 -8.26 -4.90
N ALA C 111 -19.14 -9.38 -4.22
CA ALA C 111 -20.19 -10.32 -4.59
C ALA C 111 -20.74 -10.88 -3.29
N ALA C 112 -22.06 -10.91 -3.15
CA ALA C 112 -22.70 -11.42 -1.95
C ALA C 112 -22.75 -12.95 -1.97
N PRO C 113 -22.52 -13.61 -0.83
CA PRO C 113 -22.46 -15.07 -0.86
C PRO C 113 -23.82 -15.68 -1.07
N THR C 114 -23.84 -16.87 -1.67
CA THR C 114 -25.06 -17.62 -1.88
C THR C 114 -25.09 -18.64 -0.72
N VAL C 115 -26.03 -18.48 0.19
CA VAL C 115 -26.13 -19.34 1.38
C VAL C 115 -27.19 -20.42 1.28
N SER C 116 -26.81 -21.63 1.73
CA SER C 116 -27.70 -22.77 1.70
C SER C 116 -27.48 -23.57 2.96
N ILE C 117 -28.57 -24.01 3.58
CA ILE C 117 -28.46 -24.81 4.79
C ILE C 117 -29.13 -26.16 4.53
N PHE C 118 -28.56 -27.22 5.12
CA PHE C 118 -29.08 -28.57 4.96
C PHE C 118 -29.17 -29.27 6.30
N PRO C 119 -30.33 -29.87 6.61
CA PRO C 119 -30.50 -30.71 7.79
C PRO C 119 -29.62 -31.98 7.67
N PRO C 120 -29.39 -32.64 8.81
CA PRO C 120 -28.85 -34.01 8.76
C PRO C 120 -29.70 -34.90 7.87
N SER C 121 -29.01 -35.77 7.13
CA SER C 121 -29.68 -36.72 6.27
C SER C 121 -30.16 -37.91 7.14
N SER C 122 -31.22 -38.55 6.69
CA SER C 122 -31.76 -39.71 7.40
C SER C 122 -30.65 -40.75 7.58
N GLU C 123 -29.82 -40.89 6.56
CA GLU C 123 -28.72 -41.83 6.56
C GLU C 123 -27.78 -41.66 7.75
N GLN C 124 -27.31 -40.42 7.95
CA GLN C 124 -26.39 -40.11 9.05
C GLN C 124 -27.10 -40.29 10.39
N LEU C 125 -28.40 -40.02 10.41
CA LEU C 125 -29.18 -40.15 11.64
C LEU C 125 -29.33 -41.63 12.07
N THR C 126 -29.41 -42.55 11.11
CA THR C 126 -29.53 -43.98 11.42
C THR C 126 -28.23 -44.50 12.05
N SER C 127 -27.17 -43.67 12.04
CA SER C 127 -25.90 -44.07 12.61
C SER C 127 -25.56 -43.24 13.86
N GLY C 128 -26.56 -42.53 14.37
CA GLY C 128 -26.40 -41.73 15.58
C GLY C 128 -25.76 -40.35 15.59
N GLY C 129 -25.43 -39.82 14.42
CA GLY C 129 -24.81 -38.50 14.36
C GLY C 129 -25.69 -37.52 13.61
N ALA C 130 -25.40 -36.23 13.73
CA ALA C 130 -26.20 -35.22 13.04
C ALA C 130 -25.37 -34.01 12.65
N SER C 131 -25.05 -33.88 11.36
CA SER C 131 -24.26 -32.73 10.91
C SER C 131 -25.19 -31.83 10.14
N VAL C 132 -25.18 -30.54 10.46
CA VAL C 132 -26.01 -29.54 9.79
C VAL C 132 -25.00 -28.71 9.00
N VAL C 133 -25.10 -28.71 7.68
CA VAL C 133 -24.14 -27.97 6.91
C VAL C 133 -24.69 -26.76 6.17
N CYS C 134 -23.85 -25.74 6.13
CA CYS C 134 -24.18 -24.48 5.50
C CYS C 134 -23.06 -24.10 4.55
N PHE C 135 -23.44 -23.77 3.31
CA PHE C 135 -22.50 -23.36 2.29
C PHE C 135 -22.66 -21.86 2.08
N LEU C 136 -21.54 -21.16 1.97
CA LEU C 136 -21.53 -19.72 1.71
C LEU C 136 -20.64 -19.62 0.49
N ASN C 137 -21.26 -19.69 -0.69
CA ASN C 137 -20.54 -19.68 -1.96
C ASN C 137 -20.42 -18.40 -2.79
N ASN C 138 -19.31 -18.35 -3.51
CA ASN C 138 -18.97 -17.31 -4.46
C ASN C 138 -19.14 -15.88 -4.00
N PHE C 139 -18.38 -15.50 -2.98
CA PHE C 139 -18.45 -14.14 -2.47
C PHE C 139 -17.11 -13.44 -2.56
N TYR C 140 -17.13 -12.14 -2.38
CA TYR C 140 -15.94 -11.31 -2.41
C TYR C 140 -16.32 -9.98 -1.75
N PRO C 141 -15.44 -9.40 -0.90
CA PRO C 141 -14.10 -9.88 -0.51
C PRO C 141 -14.17 -11.07 0.45
N LYS C 142 -13.01 -11.60 0.84
CA LYS C 142 -12.94 -12.77 1.70
C LYS C 142 -13.58 -12.67 3.07
N ASP C 143 -13.46 -11.49 3.69
CA ASP C 143 -13.96 -11.23 5.04
C ASP C 143 -15.41 -11.58 5.19
N ILE C 144 -15.71 -12.49 6.11
CA ILE C 144 -17.08 -12.94 6.33
C ILE C 144 -17.24 -13.57 7.71
N ASN C 145 -18.46 -13.53 8.23
CA ASN C 145 -18.73 -14.16 9.51
C ASN C 145 -19.98 -15.01 9.45
N VAL C 146 -19.89 -16.19 10.03
CA VAL C 146 -21.00 -17.13 10.06
C VAL C 146 -21.35 -17.31 11.51
N LYS C 147 -22.64 -17.33 11.80
CA LYS C 147 -23.12 -17.54 13.15
C LYS C 147 -24.23 -18.58 13.11
N TRP C 148 -24.22 -19.48 14.08
CA TRP C 148 -25.24 -20.51 14.19
C TRP C 148 -26.14 -20.24 15.38
N LYS C 149 -27.42 -20.56 15.23
CA LYS C 149 -28.39 -20.38 16.30
C LYS C 149 -29.23 -21.63 16.37
N ILE C 150 -29.39 -22.16 17.58
CA ILE C 150 -30.22 -23.33 17.79
C ILE C 150 -31.35 -22.83 18.67
N ASP C 151 -32.59 -22.92 18.18
CA ASP C 151 -33.77 -22.45 18.91
C ASP C 151 -33.55 -21.03 19.40
N GLY C 152 -32.95 -20.22 18.51
CA GLY C 152 -32.69 -18.84 18.83
C GLY C 152 -31.51 -18.55 19.72
N SER C 153 -30.69 -19.54 20.01
CA SER C 153 -29.53 -19.29 20.88
C SER C 153 -28.26 -19.49 20.09
N GLU C 154 -27.36 -18.53 20.22
CA GLU C 154 -26.08 -18.58 19.54
C GLU C 154 -25.38 -19.90 19.93
N ARG C 155 -24.74 -20.51 18.94
CA ARG C 155 -24.01 -21.78 19.14
C ARG C 155 -22.69 -21.69 18.43
N GLN C 156 -21.60 -21.95 19.12
CA GLN C 156 -20.30 -21.92 18.46
C GLN C 156 -19.40 -23.14 18.68
N ASN C 157 -19.77 -23.99 19.63
CA ASN C 157 -19.01 -25.21 19.87
C ASN C 157 -19.60 -26.23 18.91
N GLY C 158 -18.75 -27.11 18.37
CA GLY C 158 -19.20 -28.12 17.44
C GLY C 158 -19.19 -27.70 15.97
N VAL C 159 -18.96 -26.42 15.69
CA VAL C 159 -18.93 -25.97 14.30
C VAL C 159 -17.51 -25.93 13.74
N LEU C 160 -17.36 -26.42 12.51
CA LEU C 160 -16.08 -26.46 11.82
C LEU C 160 -16.26 -25.70 10.52
N ASN C 161 -15.33 -24.78 10.21
CA ASN C 161 -15.41 -23.99 8.98
C ASN C 161 -14.29 -24.37 8.02
N SER C 162 -14.60 -24.44 6.74
CA SER C 162 -13.58 -24.76 5.75
C SER C 162 -13.71 -23.81 4.57
N ALA C 163 -12.59 -23.27 4.11
CA ALA C 163 -12.59 -22.31 3.02
C ALA C 163 -11.75 -22.72 1.80
N THR C 164 -12.25 -22.40 0.60
CA THR C 164 -11.52 -22.71 -0.62
C THR C 164 -10.59 -21.53 -0.90
N ASP C 165 -9.55 -21.78 -1.68
CA ASP C 165 -8.64 -20.70 -2.04
C ASP C 165 -9.38 -19.83 -3.05
N GLN C 166 -8.96 -18.59 -3.23
CA GLN C 166 -9.60 -17.71 -4.20
C GLN C 166 -9.65 -18.45 -5.54
N ASP C 167 -10.85 -18.61 -6.11
CA ASP C 167 -11.04 -19.26 -7.40
C ASP C 167 -10.16 -18.61 -8.48
N SER C 168 -9.61 -19.42 -9.38
CA SER C 168 -8.74 -18.94 -10.44
C SER C 168 -9.47 -18.40 -11.67
N LYS C 169 -10.76 -18.72 -11.75
CA LYS C 169 -11.58 -18.29 -12.87
C LYS C 169 -12.44 -17.04 -12.57
N ASP C 170 -13.05 -16.98 -11.39
CA ASP C 170 -13.88 -15.84 -11.05
C ASP C 170 -13.43 -15.06 -9.83
N SER C 171 -12.25 -15.39 -9.29
CA SER C 171 -11.69 -14.71 -8.13
C SER C 171 -12.55 -14.62 -6.87
N THR C 172 -13.56 -15.46 -6.75
CA THR C 172 -14.38 -15.42 -5.54
C THR C 172 -13.86 -16.45 -4.56
N TYR C 173 -14.46 -16.45 -3.38
CA TYR C 173 -14.13 -17.36 -2.30
C TYR C 173 -15.42 -18.07 -1.96
N SER C 174 -15.31 -19.23 -1.35
CA SER C 174 -16.45 -20.02 -0.90
C SER C 174 -16.09 -20.63 0.43
N MET C 175 -17.09 -21.00 1.21
CA MET C 175 -16.85 -21.52 2.55
C MET C 175 -17.97 -22.45 2.99
N SER C 176 -17.65 -23.44 3.80
CA SER C 176 -18.63 -24.35 4.32
C SER C 176 -18.55 -24.20 5.84
N SER C 177 -19.68 -24.28 6.51
CA SER C 177 -19.71 -24.22 7.95
C SER C 177 -20.62 -25.35 8.36
N THR C 178 -20.12 -26.25 9.19
CA THR C 178 -20.94 -27.36 9.61
C THR C 178 -20.94 -27.57 11.11
N LEU C 179 -22.15 -27.71 11.64
CA LEU C 179 -22.39 -27.94 13.03
C LEU C 179 -22.61 -29.43 13.22
N THR C 180 -21.75 -30.04 14.03
CA THR C 180 -21.88 -31.47 14.26
C THR C 180 -22.30 -31.75 15.69
N LEU C 181 -23.43 -32.43 15.83
CA LEU C 181 -24.00 -32.80 17.12
C LEU C 181 -24.30 -34.28 17.08
N THR C 182 -24.81 -34.81 18.17
CA THR C 182 -25.18 -36.22 18.22
C THR C 182 -26.64 -36.24 17.81
N LYS C 183 -27.13 -37.40 17.40
CA LYS C 183 -28.54 -37.52 17.00
C LYS C 183 -29.43 -37.08 18.15
N ASP C 184 -29.09 -37.51 19.35
CA ASP C 184 -29.85 -37.18 20.56
C ASP C 184 -29.93 -35.68 20.79
N GLU C 185 -28.80 -35.00 20.73
CA GLU C 185 -28.76 -33.55 20.95
C GLU C 185 -29.49 -32.79 19.86
N TYR C 186 -29.37 -33.27 18.62
CA TYR C 186 -30.01 -32.64 17.47
C TYR C 186 -31.51 -32.70 17.66
N GLU C 187 -32.00 -33.88 18.07
CA GLU C 187 -33.43 -34.09 18.27
C GLU C 187 -34.01 -33.38 19.50
N ARG C 188 -33.18 -32.65 20.23
CA ARG C 188 -33.68 -31.88 21.37
C ARG C 188 -34.04 -30.44 20.94
N HIS C 189 -33.90 -30.14 19.64
CA HIS C 189 -34.16 -28.80 19.18
C HIS C 189 -35.06 -28.73 17.98
N ASN C 190 -35.56 -27.53 17.67
CA ASN C 190 -36.45 -27.34 16.54
C ASN C 190 -35.83 -26.48 15.45
N SER C 191 -35.47 -25.26 15.80
CA SER C 191 -34.89 -24.32 14.85
C SER C 191 -33.35 -24.29 14.76
N TYR C 192 -32.84 -24.40 13.55
CA TYR C 192 -31.40 -24.35 13.30
C TYR C 192 -31.17 -23.24 12.29
N THR C 193 -30.24 -22.33 12.57
CA THR C 193 -30.02 -21.20 11.70
C THR C 193 -28.57 -20.89 11.38
N CYS C 194 -28.31 -20.67 10.10
CA CYS C 194 -26.99 -20.30 9.60
C CYS C 194 -27.10 -18.83 9.16
N GLU C 195 -26.35 -17.95 9.80
CA GLU C 195 -26.40 -16.52 9.46
C GLU C 195 -25.07 -15.99 9.00
N ALA C 196 -25.06 -15.38 7.83
CA ALA C 196 -23.84 -14.81 7.29
C ALA C 196 -23.87 -13.29 7.22
N THR C 197 -22.85 -12.68 7.80
CA THR C 197 -22.76 -11.23 7.74
C THR C 197 -21.54 -10.92 6.85
N HIS C 198 -21.79 -10.14 5.80
CA HIS C 198 -20.78 -9.77 4.80
C HIS C 198 -20.97 -8.29 4.41
N LYS C 199 -19.91 -7.64 3.95
CA LYS C 199 -19.94 -6.21 3.57
C LYS C 199 -20.86 -5.81 2.40
N THR C 200 -21.34 -6.79 1.67
CA THR C 200 -22.22 -6.53 0.55
C THR C 200 -23.64 -6.16 1.05
N SER C 201 -23.83 -6.22 2.36
CA SER C 201 -25.13 -5.90 2.93
C SER C 201 -25.05 -5.69 4.41
N THR C 202 -25.81 -4.72 4.90
CA THR C 202 -25.88 -4.39 6.32
C THR C 202 -26.81 -5.35 7.06
N SER C 203 -27.62 -6.07 6.27
CA SER C 203 -28.56 -7.07 6.76
C SER C 203 -27.83 -8.39 6.58
N PRO C 204 -27.75 -9.23 7.63
CA PRO C 204 -27.15 -10.54 7.40
C PRO C 204 -28.06 -11.49 6.63
N ILE C 205 -27.46 -12.43 5.89
CA ILE C 205 -28.25 -13.42 5.16
C ILE C 205 -28.56 -14.52 6.15
N VAL C 206 -29.84 -14.81 6.34
CA VAL C 206 -30.25 -15.83 7.30
C VAL C 206 -30.92 -17.01 6.60
N LYS C 207 -30.45 -18.22 6.90
CA LYS C 207 -31.03 -19.44 6.33
C LYS C 207 -31.34 -20.37 7.47
N SER C 208 -32.49 -21.04 7.40
CA SER C 208 -32.84 -21.95 8.48
C SER C 208 -33.88 -22.99 8.10
N PHE C 209 -34.15 -23.90 9.03
CA PHE C 209 -35.15 -24.94 8.84
C PHE C 209 -35.64 -25.36 10.21
N ASN C 210 -36.80 -25.98 10.23
CA ASN C 210 -37.36 -26.45 11.48
C ASN C 210 -37.39 -27.95 11.31
N ARG C 211 -36.87 -28.65 12.31
CA ARG C 211 -36.80 -30.10 12.32
C ARG C 211 -38.17 -30.79 12.18
N ASN C 212 -39.19 -30.16 12.75
CA ASN C 212 -40.56 -30.68 12.69
C ASN C 212 -41.23 -30.47 11.32
N GLU C 213 -40.42 -30.18 10.31
CA GLU C 213 -40.89 -29.97 8.94
C GLU C 213 -39.99 -30.80 8.05
N CYS C 214 -39.57 -31.94 8.59
CA CYS C 214 -38.68 -32.87 7.90
C CYS C 214 -39.42 -34.08 7.31
N GLU D 1 21.24 -30.20 -16.33
CA GLU D 1 20.32 -29.59 -15.33
C GLU D 1 20.53 -30.12 -13.91
N VAL D 2 20.19 -29.28 -12.95
CA VAL D 2 20.35 -29.57 -11.54
C VAL D 2 19.00 -29.92 -10.91
N GLN D 3 18.92 -31.07 -10.25
CA GLN D 3 17.66 -31.46 -9.64
C GLN D 3 17.79 -32.29 -8.36
N LEU D 4 16.88 -32.03 -7.43
CA LEU D 4 16.80 -32.74 -6.16
C LEU D 4 15.47 -33.47 -6.15
N GLN D 5 15.52 -34.79 -6.21
CA GLN D 5 14.32 -35.63 -6.25
C GLN D 5 14.08 -36.30 -4.91
N GLN D 6 12.93 -36.02 -4.29
CA GLN D 6 12.63 -36.62 -2.99
C GLN D 6 11.67 -37.81 -3.09
N SER D 7 11.68 -38.65 -2.06
CA SER D 7 10.82 -39.82 -2.03
C SER D 7 9.33 -39.48 -1.85
N GLY D 8 8.46 -40.43 -2.16
CA GLY D 8 7.02 -40.23 -2.07
C GLY D 8 6.41 -40.06 -0.68
N ALA D 9 5.19 -39.52 -0.63
CA ALA D 9 4.47 -39.28 0.62
C ALA D 9 4.29 -40.53 1.48
N GLU D 10 4.38 -40.35 2.80
CA GLU D 10 4.26 -41.47 3.73
C GLU D 10 3.16 -41.19 4.75
N VAL D 11 2.36 -42.20 5.06
CA VAL D 11 1.33 -42.12 6.09
C VAL D 11 1.86 -43.11 7.12
N VAL D 12 2.30 -42.60 8.26
CA VAL D 12 2.89 -43.45 9.29
C VAL D 12 2.17 -43.38 10.64
N ARG D 13 2.36 -44.42 11.45
CA ARG D 13 1.72 -44.49 12.76
C ARG D 13 2.53 -43.74 13.79
N SER D 14 1.84 -43.07 14.71
CA SER D 14 2.50 -42.35 15.80
C SER D 14 3.37 -43.33 16.59
N GLY D 15 4.53 -42.87 17.02
CA GLY D 15 5.43 -43.73 17.77
C GLY D 15 6.49 -44.42 16.91
N ALA D 16 6.23 -44.47 15.60
CA ALA D 16 7.15 -45.09 14.65
C ALA D 16 8.20 -44.13 14.11
N SER D 17 8.93 -44.59 13.09
CA SER D 17 9.99 -43.82 12.47
C SER D 17 9.83 -43.88 10.97
N VAL D 18 10.43 -42.93 10.28
CA VAL D 18 10.37 -42.93 8.83
C VAL D 18 11.67 -42.32 8.31
N LYS D 19 12.15 -42.82 7.18
CA LYS D 19 13.37 -42.30 6.59
C LYS D 19 13.14 -41.81 5.18
N LEU D 20 13.30 -40.50 4.99
CA LEU D 20 13.10 -39.81 3.70
C LEU D 20 14.38 -39.71 2.91
N SER D 21 14.26 -39.75 1.59
CA SER D 21 15.44 -39.66 0.74
C SER D 21 15.37 -38.44 -0.18
N CYS D 22 16.53 -37.98 -0.60
CA CYS D 22 16.66 -36.84 -1.48
C CYS D 22 17.81 -37.18 -2.40
N THR D 23 17.51 -37.42 -3.67
CA THR D 23 18.55 -37.78 -4.65
C THR D 23 18.89 -36.67 -5.65
N ALA D 24 20.18 -36.35 -5.73
CA ALA D 24 20.64 -35.32 -6.64
C ALA D 24 21.04 -35.87 -8.02
N SER D 25 20.69 -35.12 -9.06
CA SER D 25 21.03 -35.46 -10.43
C SER D 25 21.53 -34.14 -11.02
N GLY D 26 22.65 -34.16 -11.72
CA GLY D 26 23.17 -32.92 -12.29
C GLY D 26 24.18 -32.21 -11.39
N PHE D 27 24.59 -32.89 -10.33
CA PHE D 27 25.57 -32.37 -9.38
C PHE D 27 25.90 -33.44 -8.33
N ASN D 28 26.98 -33.24 -7.58
CA ASN D 28 27.37 -34.20 -6.54
C ASN D 28 27.21 -33.54 -5.18
N ILE D 29 26.37 -34.14 -4.31
CA ILE D 29 26.13 -33.62 -2.96
C ILE D 29 27.45 -33.35 -2.23
N LYS D 30 28.50 -34.03 -2.67
CA LYS D 30 29.85 -33.95 -2.16
C LYS D 30 30.37 -32.52 -2.07
N ASP D 31 29.93 -31.68 -3.01
CA ASP D 31 30.37 -30.29 -3.08
C ASP D 31 29.37 -29.30 -2.53
N TYR D 32 28.38 -29.82 -1.80
CA TYR D 32 27.35 -28.97 -1.23
C TYR D 32 27.04 -29.29 0.21
N TYR D 33 26.14 -28.48 0.76
CA TYR D 33 25.61 -28.65 2.09
C TYR D 33 24.18 -29.01 1.78
N ILE D 34 23.70 -30.14 2.28
CA ILE D 34 22.32 -30.51 2.05
C ILE D 34 21.53 -30.08 3.31
N HIS D 35 20.49 -29.24 3.15
CA HIS D 35 19.70 -28.80 4.29
C HIS D 35 18.29 -29.38 4.21
N TRP D 36 17.59 -29.36 5.34
CA TRP D 36 16.22 -29.83 5.38
C TRP D 36 15.37 -28.76 6.07
N VAL D 37 14.17 -28.53 5.55
CA VAL D 37 13.26 -27.56 6.17
C VAL D 37 11.84 -28.13 6.17
N LYS D 38 11.16 -27.94 7.29
CA LYS D 38 9.80 -28.45 7.48
C LYS D 38 8.76 -27.39 7.25
N GLN D 39 7.61 -27.79 6.70
CA GLN D 39 6.51 -26.85 6.46
C GLN D 39 5.21 -27.46 6.91
N ARG D 40 4.68 -26.96 8.02
CA ARG D 40 3.40 -27.45 8.55
C ARG D 40 2.30 -26.67 7.84
N PRO D 41 1.10 -27.24 7.70
CA PRO D 41 0.00 -26.38 7.25
C PRO D 41 -0.20 -25.17 8.18
N GLU D 42 -0.37 -23.99 7.57
CA GLU D 42 -0.61 -22.74 8.31
C GLU D 42 0.55 -22.40 9.22
N LYS D 43 1.73 -22.86 8.84
CA LYS D 43 2.94 -22.59 9.60
C LYS D 43 4.09 -22.55 8.58
N GLY D 44 4.68 -21.36 8.46
CA GLY D 44 5.77 -21.13 7.54
C GLY D 44 6.88 -22.17 7.66
N LEU D 45 7.81 -22.10 6.72
CA LEU D 45 8.94 -23.01 6.70
C LEU D 45 9.85 -22.86 7.92
N GLU D 46 10.24 -23.99 8.51
CA GLU D 46 11.18 -23.97 9.63
C GLU D 46 12.40 -24.86 9.33
N TRP D 47 13.58 -24.27 9.45
CA TRP D 47 14.83 -24.94 9.18
C TRP D 47 15.12 -26.03 10.22
N ILE D 48 15.57 -27.19 9.75
CA ILE D 48 15.88 -28.32 10.63
C ILE D 48 17.40 -28.40 10.88
N GLY D 49 18.17 -28.20 9.82
CA GLY D 49 19.61 -28.22 9.94
C GLY D 49 20.24 -28.61 8.63
N TRP D 50 21.53 -28.90 8.66
CA TRP D 50 22.28 -29.30 7.47
C TRP D 50 23.29 -30.41 7.72
N ILE D 51 23.74 -31.02 6.63
CA ILE D 51 24.76 -32.07 6.67
C ILE D 51 25.76 -31.70 5.59
N ASP D 52 27.05 -31.95 5.84
CA ASP D 52 28.12 -31.68 4.88
C ASP D 52 28.50 -33.05 4.35
N PRO D 53 27.97 -33.45 3.20
CA PRO D 53 28.02 -34.84 2.75
C PRO D 53 29.45 -35.29 2.51
N GLU D 54 30.31 -34.33 2.17
CA GLU D 54 31.72 -34.59 1.90
C GLU D 54 32.48 -35.11 3.12
N ILE D 55 32.16 -34.59 4.31
CA ILE D 55 32.81 -35.03 5.54
C ILE D 55 31.90 -35.63 6.64
N GLY D 56 30.56 -35.67 6.45
CA GLY D 56 29.61 -36.27 7.41
C GLY D 56 29.07 -35.42 8.53
N ASP D 57 29.69 -34.26 8.72
CA ASP D 57 29.29 -33.31 9.77
C ASP D 57 27.85 -32.84 9.60
N THR D 58 27.11 -32.78 10.71
CA THR D 58 25.73 -32.33 10.70
C THR D 58 25.53 -31.30 11.78
N GLU D 59 24.52 -30.45 11.61
CA GLU D 59 24.17 -29.46 12.61
C GLU D 59 22.66 -29.38 12.71
N TYR D 60 22.13 -29.61 13.90
CA TYR D 60 20.70 -29.58 14.11
C TYR D 60 20.28 -28.39 14.95
N VAL D 61 19.10 -27.84 14.68
CA VAL D 61 18.61 -26.75 15.50
C VAL D 61 18.15 -27.52 16.74
N PRO D 62 18.61 -27.07 17.92
CA PRO D 62 18.41 -27.85 19.15
C PRO D 62 16.97 -28.40 19.26
N LYS D 63 16.00 -27.73 18.64
CA LYS D 63 14.61 -28.18 18.65
C LYS D 63 14.47 -29.57 18.05
N PHE D 64 15.25 -29.84 17.02
CA PHE D 64 15.22 -31.14 16.35
C PHE D 64 16.26 -32.16 16.83
N GLN D 65 16.95 -31.89 17.92
CA GLN D 65 17.93 -32.86 18.44
C GLN D 65 17.11 -34.01 19.07
N GLY D 66 17.34 -35.24 18.60
CA GLY D 66 16.60 -36.37 19.13
C GLY D 66 15.33 -36.68 18.37
N LYS D 67 15.10 -35.94 17.29
CA LYS D 67 13.93 -36.11 16.46
C LYS D 67 14.39 -36.48 15.05
N ALA D 68 15.33 -35.70 14.51
CA ALA D 68 15.84 -35.94 13.17
C ALA D 68 17.29 -36.38 13.13
N THR D 69 17.62 -37.17 12.12
CA THR D 69 18.97 -37.66 11.92
C THR D 69 19.24 -37.62 10.44
N MET D 70 20.20 -36.79 10.07
CA MET D 70 20.57 -36.66 8.66
C MET D 70 21.84 -37.44 8.35
N THR D 71 21.82 -38.10 7.21
CA THR D 71 22.96 -38.85 6.70
C THR D 71 23.04 -38.51 5.20
N ALA D 72 24.16 -38.84 4.60
CA ALA D 72 24.38 -38.57 3.19
C ALA D 72 25.35 -39.59 2.65
N ASP D 73 25.41 -39.65 1.32
CA ASP D 73 26.30 -40.57 0.66
C ASP D 73 26.69 -40.04 -0.68
N THR D 74 28.01 -39.96 -0.90
CA THR D 74 28.53 -39.47 -2.15
C THR D 74 28.39 -40.55 -3.23
N SER D 75 28.50 -41.81 -2.82
CA SER D 75 28.39 -42.96 -3.72
C SER D 75 27.14 -42.93 -4.58
N SER D 76 26.03 -42.51 -4.00
CA SER D 76 24.76 -42.44 -4.71
C SER D 76 24.10 -41.06 -4.73
N ASN D 77 24.87 -39.99 -4.44
CA ASN D 77 24.35 -38.62 -4.45
C ASN D 77 22.99 -38.54 -3.76
N THR D 78 22.88 -39.17 -2.60
CA THR D 78 21.60 -39.18 -1.88
C THR D 78 21.76 -38.80 -0.41
N ALA D 79 20.85 -37.93 0.08
CA ALA D 79 20.86 -37.49 1.47
C ALA D 79 19.58 -38.05 2.07
N TYR D 80 19.63 -38.40 3.36
CA TYR D 80 18.49 -38.98 4.07
C TYR D 80 18.11 -38.23 5.35
N LEU D 81 16.83 -38.25 5.67
CA LEU D 81 16.30 -37.63 6.87
C LEU D 81 15.49 -38.68 7.63
N GLN D 82 15.98 -39.07 8.79
CA GLN D 82 15.27 -40.03 9.62
C GLN D 82 14.53 -39.27 10.68
N LEU D 83 13.27 -39.63 10.88
CA LEU D 83 12.45 -38.96 11.88
C LEU D 83 11.91 -40.05 12.78
N SER D 84 12.28 -39.99 14.06
CA SER D 84 11.86 -41.03 14.99
C SER D 84 10.87 -40.54 16.04
N SER D 85 10.25 -41.49 16.75
CA SER D 85 9.25 -41.23 17.78
C SER D 85 8.26 -40.18 17.28
N LEU D 86 7.59 -40.49 16.16
CA LEU D 86 6.66 -39.57 15.52
C LEU D 86 5.33 -39.25 16.24
N THR D 87 4.91 -38.00 16.16
CA THR D 87 3.64 -37.52 16.75
C THR D 87 2.93 -36.75 15.64
N SER D 88 1.74 -36.23 15.94
CA SER D 88 0.93 -35.44 14.99
C SER D 88 1.67 -34.15 14.66
N GLU D 89 2.46 -33.69 15.63
CA GLU D 89 3.27 -32.48 15.47
C GLU D 89 4.26 -32.64 14.30
N ASP D 90 4.57 -33.88 13.93
CA ASP D 90 5.51 -34.15 12.84
C ASP D 90 4.87 -34.18 11.44
N THR D 91 3.54 -34.01 11.37
CA THR D 91 2.85 -34.00 10.08
C THR D 91 3.22 -32.69 9.37
N ALA D 92 3.84 -32.82 8.21
CA ALA D 92 4.29 -31.68 7.42
C ALA D 92 4.93 -32.09 6.12
N VAL D 93 5.26 -31.11 5.28
CA VAL D 93 5.93 -31.38 4.03
C VAL D 93 7.39 -31.09 4.34
N TYR D 94 8.27 -32.05 4.02
CA TYR D 94 9.68 -31.92 4.27
C TYR D 94 10.45 -31.74 2.97
N TYR D 95 11.27 -30.69 2.94
CA TYR D 95 12.09 -30.35 1.78
C TYR D 95 13.57 -30.51 2.07
N CYS D 96 14.31 -30.97 1.08
CA CYS D 96 15.76 -31.01 1.25
C CYS D 96 16.14 -29.96 0.22
N ASN D 97 17.24 -29.25 0.44
CA ASN D 97 17.66 -28.27 -0.54
C ASN D 97 19.19 -28.22 -0.49
N ALA D 98 19.82 -27.53 -1.42
CA ALA D 98 21.27 -27.48 -1.41
C ALA D 98 21.84 -26.10 -1.66
N GLY D 99 22.89 -25.80 -0.93
CA GLY D 99 23.55 -24.53 -1.10
C GLY D 99 25.03 -24.77 -1.08
N HIS D 100 25.81 -23.85 -1.63
CA HIS D 100 27.24 -24.04 -1.63
C HIS D 100 27.77 -24.04 -0.22
N ASP D 101 28.84 -24.77 0.00
CA ASP D 101 29.39 -24.86 1.34
C ASP D 101 29.83 -23.50 1.87
N TYR D 102 30.31 -22.67 0.95
CA TYR D 102 30.79 -21.33 1.25
C TYR D 102 29.71 -20.25 1.26
N ASP D 103 28.49 -20.65 0.96
CA ASP D 103 27.33 -19.74 0.90
C ASP D 103 26.78 -19.64 2.32
N ARG D 104 26.40 -18.42 2.74
CA ARG D 104 25.88 -18.19 4.09
C ARG D 104 24.53 -18.81 4.44
N GLY D 105 23.71 -19.08 3.44
CA GLY D 105 22.43 -19.66 3.76
C GLY D 105 21.33 -19.44 2.73
N ARG D 106 21.68 -19.12 1.47
CA ARG D 106 20.66 -18.95 0.41
C ARG D 106 20.25 -20.39 0.02
N PHE D 107 19.38 -20.55 -0.96
CA PHE D 107 18.95 -21.88 -1.37
C PHE D 107 18.54 -21.91 -2.84
N PRO D 108 19.50 -22.14 -3.76
CA PRO D 108 19.22 -22.18 -5.20
C PRO D 108 18.50 -23.45 -5.66
N TYR D 109 18.71 -24.56 -4.97
CA TYR D 109 18.12 -25.84 -5.35
C TYR D 109 17.27 -26.44 -4.24
N TRP D 110 16.05 -26.80 -4.60
CA TRP D 110 15.10 -27.38 -3.68
C TRP D 110 14.47 -28.64 -4.23
N GLY D 111 14.24 -29.63 -3.37
CA GLY D 111 13.57 -30.84 -3.81
C GLY D 111 12.08 -30.48 -3.83
N GLN D 112 11.24 -31.35 -4.38
CA GLN D 112 9.81 -31.05 -4.46
C GLN D 112 9.05 -31.28 -3.16
N GLY D 113 9.74 -31.78 -2.13
CA GLY D 113 9.13 -32.03 -0.84
C GLY D 113 8.52 -33.41 -0.68
N THR D 114 8.39 -33.86 0.56
CA THR D 114 7.77 -35.15 0.87
C THR D 114 6.76 -34.91 1.99
N LEU D 115 5.51 -35.30 1.77
CA LEU D 115 4.47 -35.12 2.78
C LEU D 115 4.48 -36.32 3.71
N VAL D 116 4.65 -36.07 5.00
CA VAL D 116 4.61 -37.11 6.00
C VAL D 116 3.36 -36.86 6.86
N THR D 117 2.49 -37.86 6.97
CA THR D 117 1.28 -37.73 7.79
C THR D 117 1.35 -38.74 8.93
N VAL D 118 1.41 -38.24 10.16
CA VAL D 118 1.49 -39.09 11.34
C VAL D 118 0.14 -39.12 12.07
N SER D 119 -0.31 -40.32 12.42
CA SER D 119 -1.56 -40.49 13.13
C SER D 119 -1.69 -41.85 13.79
N ALA D 120 -2.66 -41.92 14.70
CA ALA D 120 -3.01 -43.14 15.41
C ALA D 120 -4.14 -43.88 14.69
N ALA D 121 -4.69 -43.21 13.68
CA ALA D 121 -5.81 -43.72 12.90
C ALA D 121 -5.47 -44.83 11.94
N LYS D 122 -6.46 -45.64 11.63
CA LYS D 122 -6.28 -46.72 10.68
C LYS D 122 -7.02 -46.33 9.40
N THR D 123 -6.67 -46.94 8.28
CA THR D 123 -7.34 -46.63 7.01
C THR D 123 -8.84 -46.89 7.21
N THR D 124 -9.63 -45.83 7.04
CA THR D 124 -11.09 -45.90 7.22
C THR D 124 -11.80 -45.30 5.99
N PRO D 125 -12.72 -46.08 5.38
CA PRO D 125 -13.51 -45.59 4.24
C PRO D 125 -14.49 -44.53 4.72
N PRO D 126 -14.89 -43.62 3.81
CA PRO D 126 -15.78 -42.54 4.26
C PRO D 126 -17.25 -42.92 4.18
N SER D 127 -18.07 -42.20 4.94
CA SER D 127 -19.51 -42.38 4.92
C SER D 127 -19.94 -41.18 4.07
N VAL D 128 -20.78 -41.39 3.07
CA VAL D 128 -21.23 -40.32 2.18
C VAL D 128 -22.74 -40.03 2.39
N TYR D 129 -23.04 -38.82 2.83
CA TYR D 129 -24.42 -38.44 3.09
C TYR D 129 -24.96 -37.44 2.09
N PRO D 130 -26.18 -37.67 1.59
CA PRO D 130 -26.77 -36.75 0.62
C PRO D 130 -27.34 -35.52 1.31
N LEU D 131 -27.09 -34.36 0.70
CA LEU D 131 -27.54 -33.07 1.22
C LEU D 131 -28.61 -32.54 0.26
N ALA D 132 -29.86 -32.81 0.61
CA ALA D 132 -30.99 -32.37 -0.19
C ALA D 132 -31.72 -31.25 0.57
N PRO D 133 -32.25 -30.26 -0.15
CA PRO D 133 -32.86 -29.05 0.43
C PRO D 133 -34.02 -29.34 1.39
N GLY D 134 -34.00 -28.71 2.57
CA GLY D 134 -35.06 -28.90 3.54
C GLY D 134 -36.48 -28.48 3.12
N SER D 135 -37.38 -28.55 4.09
CA SER D 135 -38.81 -28.24 3.95
C SER D 135 -39.20 -27.23 2.87
N ALA D 136 -39.20 -25.95 3.23
CA ALA D 136 -39.59 -24.90 2.31
C ALA D 136 -38.40 -24.26 1.62
N ALA D 137 -38.45 -24.21 0.30
CA ALA D 137 -37.40 -23.63 -0.52
C ALA D 137 -37.98 -23.39 -1.91
N GLN D 138 -38.77 -22.33 -2.03
CA GLN D 138 -39.41 -21.97 -3.30
C GLN D 138 -38.84 -20.66 -3.86
N THR D 139 -39.26 -20.32 -5.08
CA THR D 139 -38.82 -19.10 -5.76
C THR D 139 -37.30 -19.00 -5.90
N ASN D 140 -36.68 -20.15 -6.16
CA ASN D 140 -35.23 -20.23 -6.34
C ASN D 140 -34.88 -20.69 -7.74
N SER D 141 -34.31 -19.77 -8.53
CA SER D 141 -33.91 -20.02 -9.91
C SER D 141 -32.87 -21.15 -10.06
N MET D 142 -31.94 -21.21 -9.11
CA MET D 142 -30.88 -22.22 -9.07
C MET D 142 -31.07 -22.98 -7.74
N VAL D 143 -30.76 -24.27 -7.73
CA VAL D 143 -30.86 -25.05 -6.52
C VAL D 143 -29.45 -25.60 -6.22
N THR D 144 -29.09 -25.65 -4.93
CA THR D 144 -27.80 -26.17 -4.49
C THR D 144 -28.00 -27.50 -3.73
N LEU D 145 -27.27 -28.53 -4.17
CA LEU D 145 -27.29 -29.84 -3.56
C LEU D 145 -25.88 -30.09 -3.05
N GLY D 146 -25.70 -31.11 -2.20
CA GLY D 146 -24.38 -31.39 -1.67
C GLY D 146 -24.24 -32.80 -1.17
N CYS D 147 -23.00 -33.17 -0.85
CA CYS D 147 -22.65 -34.48 -0.29
C CYS D 147 -21.64 -34.24 0.83
N LEU D 148 -21.88 -34.86 1.97
CA LEU D 148 -21.02 -34.76 3.15
C LEU D 148 -20.23 -36.06 3.16
N VAL D 149 -18.91 -35.95 3.10
CA VAL D 149 -18.03 -37.13 3.13
C VAL D 149 -17.37 -37.09 4.51
N LYS D 150 -17.65 -38.08 5.32
CA LYS D 150 -17.18 -38.04 6.67
C LYS D 150 -16.50 -39.30 7.22
N GLY D 151 -15.59 -39.07 8.17
CA GLY D 151 -14.92 -40.15 8.88
C GLY D 151 -13.92 -41.00 8.13
N TYR D 152 -13.18 -40.42 7.20
CA TYR D 152 -12.17 -41.19 6.46
C TYR D 152 -10.72 -40.91 6.88
N PHE D 153 -9.84 -41.80 6.45
CA PHE D 153 -8.40 -41.69 6.68
C PHE D 153 -7.71 -42.69 5.75
N PRO D 154 -6.60 -42.28 5.13
CA PRO D 154 -6.08 -40.91 5.09
C PRO D 154 -6.67 -40.13 3.92
N GLU D 155 -6.19 -38.91 3.73
CA GLU D 155 -6.59 -38.09 2.59
C GLU D 155 -5.81 -38.64 1.40
N PRO D 156 -6.31 -38.39 0.19
CA PRO D 156 -7.55 -37.64 0.01
C PRO D 156 -8.71 -38.50 -0.50
N VAL D 157 -9.82 -37.81 -0.80
CA VAL D 157 -10.98 -38.40 -1.43
C VAL D 157 -11.18 -37.44 -2.61
N THR D 158 -11.78 -37.92 -3.67
CA THR D 158 -12.06 -37.08 -4.83
C THR D 158 -13.56 -37.14 -4.98
N VAL D 159 -14.16 -36.03 -5.36
CA VAL D 159 -15.58 -36.05 -5.57
C VAL D 159 -15.95 -35.35 -6.87
N THR D 160 -16.82 -35.99 -7.64
CA THR D 160 -17.31 -35.45 -8.88
C THR D 160 -18.83 -35.52 -8.82
N TRP D 161 -19.49 -34.86 -9.77
CA TRP D 161 -20.95 -34.83 -9.84
C TRP D 161 -21.33 -35.30 -11.25
N ASN D 162 -22.20 -36.32 -11.30
CA ASN D 162 -22.67 -36.94 -12.55
C ASN D 162 -21.49 -37.39 -13.39
N SER D 163 -20.53 -38.04 -12.72
CA SER D 163 -19.31 -38.53 -13.35
C SER D 163 -18.49 -37.45 -14.05
N GLY D 164 -18.51 -36.25 -13.47
CA GLY D 164 -17.74 -35.14 -14.04
C GLY D 164 -18.48 -34.31 -15.08
N SER D 165 -19.66 -34.74 -15.53
CA SER D 165 -20.38 -33.94 -16.51
C SER D 165 -20.96 -32.65 -15.92
N LEU D 166 -20.97 -32.51 -14.58
CA LEU D 166 -21.38 -31.24 -13.96
C LEU D 166 -20.01 -30.66 -13.65
N SER D 167 -19.45 -30.07 -14.70
CA SER D 167 -18.11 -29.49 -14.70
C SER D 167 -18.00 -28.04 -14.28
N SER D 168 -19.09 -27.49 -13.74
CA SER D 168 -19.10 -26.10 -13.27
C SER D 168 -20.12 -26.04 -12.14
N GLY D 169 -19.99 -25.02 -11.30
CA GLY D 169 -20.91 -24.85 -10.19
C GLY D 169 -20.65 -25.72 -8.96
N VAL D 170 -19.51 -26.38 -8.90
CA VAL D 170 -19.22 -27.23 -7.73
C VAL D 170 -18.08 -26.69 -6.88
N HIS D 171 -18.25 -26.83 -5.57
CA HIS D 171 -17.26 -26.39 -4.60
C HIS D 171 -16.98 -27.56 -3.67
N THR D 172 -15.75 -28.03 -3.68
CA THR D 172 -15.35 -29.13 -2.84
C THR D 172 -14.35 -28.55 -1.87
N PHE D 173 -14.74 -28.50 -0.61
CA PHE D 173 -13.94 -27.91 0.43
C PHE D 173 -12.78 -28.74 0.97
N PRO D 174 -11.71 -28.08 1.41
CA PRO D 174 -10.60 -28.72 2.13
C PRO D 174 -11.13 -29.56 3.29
N ALA D 175 -10.53 -30.72 3.49
CA ALA D 175 -10.92 -31.59 4.58
C ALA D 175 -10.42 -31.05 5.91
N VAL D 176 -11.07 -31.43 7.00
CA VAL D 176 -10.64 -31.02 8.33
C VAL D 176 -10.77 -32.22 9.23
N LEU D 177 -9.94 -32.28 10.27
CA LEU D 177 -9.96 -33.38 11.20
C LEU D 177 -11.00 -33.22 12.30
N GLN D 178 -11.62 -34.35 12.63
CA GLN D 178 -12.60 -34.45 13.70
C GLN D 178 -12.16 -35.72 14.42
N SER D 179 -11.19 -35.58 15.33
CA SER D 179 -10.68 -36.71 16.11
C SER D 179 -10.06 -37.80 15.24
N ASP D 180 -8.93 -37.49 14.63
CA ASP D 180 -8.20 -38.42 13.77
C ASP D 180 -8.84 -38.74 12.43
N LEU D 181 -10.13 -38.45 12.27
CA LEU D 181 -10.77 -38.75 11.00
C LEU D 181 -11.15 -37.49 10.22
N TYR D 182 -11.06 -37.58 8.89
CA TYR D 182 -11.37 -36.46 8.00
C TYR D 182 -12.81 -36.31 7.54
N THR D 183 -13.19 -35.07 7.27
CA THR D 183 -14.52 -34.75 6.79
C THR D 183 -14.45 -33.55 5.87
N LEU D 184 -15.24 -33.60 4.80
CA LEU D 184 -15.31 -32.50 3.84
C LEU D 184 -16.67 -32.60 3.22
N SER D 185 -17.09 -31.54 2.55
CA SER D 185 -18.37 -31.51 1.88
C SER D 185 -18.13 -30.96 0.48
N SER D 186 -19.05 -31.24 -0.41
CA SER D 186 -18.98 -30.72 -1.76
C SER D 186 -20.38 -30.25 -2.09
N SER D 187 -20.49 -29.07 -2.70
CA SER D 187 -21.80 -28.53 -3.10
C SER D 187 -21.80 -28.38 -4.60
N VAL D 188 -22.98 -28.48 -5.20
CA VAL D 188 -23.13 -28.30 -6.64
C VAL D 188 -24.37 -27.45 -6.82
N THR D 189 -24.31 -26.52 -7.77
CA THR D 189 -25.45 -25.64 -8.00
C THR D 189 -25.89 -25.82 -9.44
N VAL D 190 -27.17 -26.14 -9.62
CA VAL D 190 -27.72 -26.38 -10.96
C VAL D 190 -29.00 -25.59 -11.16
N PRO D 191 -29.39 -25.39 -12.43
CA PRO D 191 -30.69 -24.80 -12.74
C PRO D 191 -31.79 -25.61 -12.06
N SER D 192 -32.71 -24.94 -11.37
CA SER D 192 -33.78 -25.63 -10.65
C SER D 192 -34.78 -26.39 -11.52
N SER D 193 -34.55 -26.40 -12.83
CA SER D 193 -35.40 -27.13 -13.77
C SER D 193 -34.71 -28.45 -14.09
N THR D 194 -33.43 -28.52 -13.73
CA THR D 194 -32.56 -29.67 -13.95
C THR D 194 -32.74 -30.72 -12.87
N TRP D 195 -33.17 -30.29 -11.69
CA TRP D 195 -33.34 -31.21 -10.60
C TRP D 195 -34.58 -30.79 -9.85
N PRO D 196 -35.43 -31.76 -9.47
CA PRO D 196 -35.17 -33.20 -9.51
C PRO D 196 -35.59 -33.97 -10.76
N SER D 197 -35.93 -33.26 -11.84
CA SER D 197 -36.33 -33.92 -13.08
C SER D 197 -35.15 -34.64 -13.77
N GLU D 198 -33.95 -34.10 -13.60
CA GLU D 198 -32.73 -34.72 -14.14
C GLU D 198 -31.90 -35.12 -12.90
N THR D 199 -31.40 -36.35 -12.90
CA THR D 199 -30.63 -36.89 -11.79
C THR D 199 -29.34 -36.15 -11.49
N VAL D 200 -29.03 -36.05 -10.20
CA VAL D 200 -27.77 -35.43 -9.72
C VAL D 200 -27.18 -36.39 -8.68
N THR D 201 -26.04 -36.96 -9.03
CA THR D 201 -25.33 -37.92 -8.19
C THR D 201 -23.92 -37.46 -7.90
N CYS D 202 -23.45 -37.62 -6.66
CA CYS D 202 -22.08 -37.26 -6.31
C CYS D 202 -21.30 -38.55 -6.24
N ASN D 203 -20.14 -38.58 -6.89
CA ASN D 203 -19.30 -39.77 -6.95
C ASN D 203 -18.09 -39.49 -6.07
N VAL D 204 -17.96 -40.27 -5.00
CA VAL D 204 -16.86 -40.14 -4.05
C VAL D 204 -15.94 -41.36 -4.14
N ALA D 205 -14.64 -41.09 -4.21
CA ALA D 205 -13.64 -42.14 -4.31
C ALA D 205 -12.59 -41.93 -3.24
N HIS D 206 -12.17 -43.03 -2.62
CA HIS D 206 -11.16 -43.02 -1.58
C HIS D 206 -10.20 -44.14 -1.92
N PRO D 207 -9.15 -43.82 -2.70
CA PRO D 207 -8.20 -44.82 -3.22
C PRO D 207 -7.53 -45.62 -2.10
N ALA D 208 -7.23 -44.98 -0.98
CA ALA D 208 -6.59 -45.67 0.14
C ALA D 208 -7.35 -46.91 0.62
N SER D 209 -8.68 -46.86 0.51
CA SER D 209 -9.51 -47.98 0.95
C SER D 209 -10.18 -48.68 -0.22
N SER D 210 -9.76 -48.35 -1.44
CA SER D 210 -10.32 -48.93 -2.67
C SER D 210 -11.85 -48.88 -2.69
N THR D 211 -12.40 -47.76 -2.24
CA THR D 211 -13.84 -47.58 -2.17
C THR D 211 -14.31 -46.48 -3.11
N LYS D 212 -15.47 -46.72 -3.73
CA LYS D 212 -16.15 -45.75 -4.60
C LYS D 212 -17.61 -45.79 -4.13
N VAL D 213 -18.20 -44.62 -3.89
CA VAL D 213 -19.59 -44.52 -3.44
C VAL D 213 -20.33 -43.47 -4.27
N ASP D 214 -21.49 -43.84 -4.81
CA ASP D 214 -22.30 -42.89 -5.59
C ASP D 214 -23.58 -42.66 -4.80
N LYS D 215 -23.88 -41.40 -4.51
CA LYS D 215 -25.10 -41.06 -3.78
C LYS D 215 -25.95 -40.18 -4.69
N LYS D 216 -27.15 -40.65 -5.04
CA LYS D 216 -28.06 -39.88 -5.88
C LYS D 216 -28.87 -38.98 -4.94
N ILE D 217 -28.90 -37.68 -5.23
CA ILE D 217 -29.65 -36.75 -4.38
C ILE D 217 -31.13 -36.76 -4.76
N VAL D 218 -31.98 -37.18 -3.83
CA VAL D 218 -33.42 -37.21 -4.07
C VAL D 218 -34.10 -36.27 -3.09
N PRO D 219 -35.24 -35.71 -3.51
CA PRO D 219 -36.02 -34.76 -2.72
C PRO D 219 -36.43 -35.35 -1.38
N ARG D 220 -36.24 -34.56 -0.32
CA ARG D 220 -36.56 -34.87 1.08
C ARG D 220 -35.68 -33.98 1.97
N ASP D 221 -35.17 -34.49 3.08
CA ASP D 221 -34.30 -33.69 3.97
C ASP D 221 -33.70 -34.41 5.20
#